data_1DOT
#
_entry.id   1DOT
#
_cell.length_a   49.600
_cell.length_b   85.600
_cell.length_c   178.700
_cell.angle_alpha   90.00
_cell.angle_beta   90.00
_cell.angle_gamma   90.00
#
_symmetry.space_group_name_H-M   'P 21 21 21'
#
loop_
_entity.id
_entity.type
_entity.pdbx_description
1 polymer 'DUCK OVOTRANSFERRIN'
2 non-polymer 2-acetamido-2-deoxy-beta-D-glucopyranose
3 non-polymer alpha-L-fucopyranose
4 non-polymer 'FE (III) ION'
5 non-polymer 'CARBONATE ION'
6 water water
#
_entity_poly.entity_id   1
_entity_poly.type   'polypeptide(L)'
_entity_poly.pdbx_seq_one_letter_code
;APPKTTVRWCTISSAEEKKCNSLKDHMQQERVTLSCVQKATYLDCIKAISNNEADAISLDGGQVFEAGLAPYKLKPIAAE
VYERSGGSTTSYYAVAVVKKGTDFMIKDLRGKTSCHTGLGRSAGWNIPIGTLIHREDIEWEGIESGISEQAVAKFFSASC
VPGATIEQKLCRQCKGDAKTKCLRNGPYSGYSGAFQCLKDGKGDVAFVKHTTVQENAPEEKDEYELLCLDGSRQPVDSYK
TCNWARVAAHAVVARDDSKIDDIWSFLGMQAYSLGVDTTSDFHLFGPPGKKDPVLKDLLFKDSAIMLKRVPELMDSQLYL
GFEYYSAIQSLRKDQLTVGPRENKIQWCAVGKDEKSKCDRWSVVSNGEVECTILDDNKDCIVKITKGEADAISLDGGFVY
TAGVCGLVPVVGESYEDETQCSKDEEQPAYYFAVAVVKKSSAITWNNLQGKKSCHTAVGRTAGWNIPMGLIHNKTGSCDF
DDYFSEGCAPGSPPNSRLCKLCQGSGENLLEKCVASSHEKYYGYTGALRCLVEQGDVAFIKHSTVGENVSGSNKDDWAKG
LTRDDFELLCTNGKRAKTMDYKTCHLAKVPTHAVVARPEKANKIRELLEGQEKLFGLHGTEKERFMMFQSQTKDLLFKAL
TKCLVKLRQGITYKEFLGDEYYASVASLNTCNPSDLLQVCTFLEDK
;
_entity_poly.pdbx_strand_id   A
#
loop_
_chem_comp.id
_chem_comp.type
_chem_comp.name
_chem_comp.formula
CO3 non-polymer 'CARBONATE ION' 'C O3 -2'
FE non-polymer 'FE (III) ION' 'Fe 3'
FUC L-saccharide, alpha linking alpha-L-fucopyranose 'C6 H12 O5'
NAG D-saccharide, beta linking 2-acetamido-2-deoxy-beta-D-glucopyranose 'C8 H15 N O6'
#
# COMPACT_ATOMS: atom_id res chain seq x y z
N ALA A 1 0.06 -24.05 7.74
CA ALA A 1 0.40 -24.73 6.45
C ALA A 1 1.66 -25.58 6.67
N PRO A 2 1.45 -26.90 6.44
CA PRO A 2 2.40 -27.92 6.74
C PRO A 2 3.54 -28.54 5.95
N PRO A 3 4.70 -28.54 6.66
CA PRO A 3 6.00 -29.09 6.30
C PRO A 3 6.19 -30.24 7.34
N LYS A 4 7.54 -30.53 7.70
CA LYS A 4 8.13 -30.53 9.16
C LYS A 4 9.58 -30.04 9.42
N THR A 5 9.93 -29.26 8.46
CA THR A 5 11.19 -28.59 7.89
C THR A 5 11.91 -27.85 8.97
N THR A 6 13.24 -27.80 8.91
CA THR A 6 14.06 -26.57 9.21
C THR A 6 14.16 -25.18 8.54
N VAL A 7 14.05 -24.16 9.33
CA VAL A 7 14.16 -22.75 8.94
C VAL A 7 15.59 -22.28 9.33
N ARG A 8 16.40 -21.95 8.36
CA ARG A 8 17.76 -21.45 8.55
C ARG A 8 17.86 -19.96 8.77
N TRP A 9 17.82 -19.48 9.98
CA TRP A 9 17.97 -18.10 10.40
C TRP A 9 19.37 -17.57 10.08
N CYS A 10 19.51 -16.27 9.84
CA CYS A 10 20.88 -15.73 9.49
C CYS A 10 21.16 -14.64 10.53
N THR A 11 22.24 -14.91 11.27
CA THR A 11 22.65 -13.98 12.34
C THR A 11 23.96 -13.42 11.80
N ILE A 12 24.23 -12.21 12.17
CA ILE A 12 25.33 -11.35 11.72
C ILE A 12 26.21 -10.90 12.87
N SER A 13 26.17 -11.64 13.97
CA SER A 13 26.99 -11.41 15.17
C SER A 13 26.86 -12.76 15.95
N SER A 14 27.87 -12.85 16.79
CA SER A 14 28.14 -14.03 17.63
C SER A 14 27.35 -13.95 18.91
N ALA A 15 26.93 -12.79 19.33
CA ALA A 15 26.06 -12.55 20.44
C ALA A 15 24.62 -13.01 20.12
N GLU A 16 24.20 -12.68 18.94
CA GLU A 16 22.96 -12.93 18.25
C GLU A 16 22.87 -14.35 17.77
N GLU A 17 23.99 -14.98 17.43
CA GLU A 17 24.15 -16.40 17.09
C GLU A 17 24.06 -17.27 18.34
N LYS A 18 24.21 -16.73 19.53
CA LYS A 18 24.02 -17.41 20.79
C LYS A 18 22.59 -17.32 21.29
N LYS A 19 21.83 -16.28 20.88
CA LYS A 19 20.42 -16.13 21.27
C LYS A 19 19.56 -16.95 20.32
N CYS A 20 20.08 -17.23 19.15
CA CYS A 20 19.49 -18.04 18.11
C CYS A 20 19.69 -19.49 18.48
N ASN A 21 20.77 -19.85 19.15
CA ASN A 21 21.04 -21.28 19.37
C ASN A 21 20.23 -21.59 20.63
N SER A 22 20.01 -20.64 21.50
CA SER A 22 19.24 -20.77 22.73
C SER A 22 17.77 -20.91 22.40
N LEU A 23 17.28 -20.36 21.29
CA LEU A 23 15.98 -20.42 20.71
C LEU A 23 15.75 -21.67 19.92
N LYS A 24 16.66 -22.41 19.39
CA LYS A 24 16.38 -23.69 18.70
C LYS A 24 16.52 -24.92 19.61
N ASP A 25 16.87 -24.67 20.84
CA ASP A 25 16.97 -25.54 21.98
C ASP A 25 15.60 -25.40 22.72
N HIS A 26 15.02 -24.23 22.63
CA HIS A 26 13.72 -23.89 23.19
C HIS A 26 12.52 -24.49 22.49
N MET A 27 12.71 -25.18 21.41
CA MET A 27 11.78 -25.94 20.64
C MET A 27 12.43 -26.73 19.53
N GLN A 28 13.21 -27.76 20.00
CA GLN A 28 13.74 -28.77 19.03
C GLN A 28 12.67 -29.84 18.80
N GLN A 29 11.62 -29.80 19.54
CA GLN A 29 10.39 -30.33 19.89
C GLN A 29 9.18 -29.84 19.12
N GLU A 30 9.33 -29.23 17.96
CA GLU A 30 8.25 -28.73 17.11
C GLU A 30 8.30 -29.24 15.69
N ARG A 31 7.20 -29.02 14.94
CA ARG A 31 7.12 -29.41 13.53
C ARG A 31 8.29 -28.63 12.86
N VAL A 32 8.16 -27.33 12.96
CA VAL A 32 9.10 -26.35 12.45
C VAL A 32 10.18 -26.06 13.52
N THR A 33 11.38 -26.47 13.13
CA THR A 33 12.62 -26.32 13.84
C THR A 33 13.54 -25.29 13.15
N LEU A 34 14.25 -24.56 13.93
CA LEU A 34 15.31 -23.62 13.57
C LEU A 34 16.72 -24.24 13.51
N SER A 35 17.53 -23.62 12.72
CA SER A 35 18.93 -23.84 12.38
C SER A 35 19.54 -22.45 12.39
N CYS A 36 20.80 -22.29 12.71
CA CYS A 36 21.41 -20.92 12.76
C CYS A 36 22.67 -20.87 11.91
N VAL A 37 22.76 -19.82 11.10
CA VAL A 37 23.95 -19.56 10.28
C VAL A 37 24.45 -18.14 10.73
N GLN A 38 25.75 -18.00 10.71
CA GLN A 38 26.36 -16.70 11.09
C GLN A 38 27.13 -16.23 9.84
N LYS A 39 26.86 -15.01 9.50
CA LYS A 39 27.51 -14.30 8.37
C LYS A 39 28.09 -13.02 8.97
N ALA A 40 29.12 -12.45 8.40
CA ALA A 40 29.77 -11.26 8.96
C ALA A 40 28.86 -10.04 8.95
N THR A 41 28.18 -9.83 7.85
CA THR A 41 27.27 -8.79 7.46
C THR A 41 25.86 -9.25 7.24
N TYR A 42 24.88 -8.32 7.15
CA TYR A 42 23.49 -8.68 6.74
C TYR A 42 23.49 -8.91 5.23
N LEU A 43 24.44 -8.30 4.50
CA LEU A 43 24.62 -8.41 3.09
C LEU A 43 25.16 -9.77 2.70
N ASP A 44 25.75 -10.51 3.62
CA ASP A 44 26.22 -11.88 3.43
C ASP A 44 25.04 -12.82 3.76
N CYS A 45 24.13 -12.33 4.55
CA CYS A 45 22.86 -12.85 4.91
C CYS A 45 21.83 -12.72 3.76
N ILE A 46 21.78 -11.57 3.10
CA ILE A 46 20.87 -11.30 1.98
C ILE A 46 21.11 -12.26 0.81
N LYS A 47 22.35 -12.34 0.36
CA LYS A 47 22.73 -13.27 -0.72
C LYS A 47 22.82 -14.67 -0.21
N ALA A 48 23.00 -14.90 1.10
CA ALA A 48 22.87 -16.15 1.77
C ALA A 48 21.39 -16.50 1.46
N ILE A 49 20.46 -15.62 1.78
CA ILE A 49 19.04 -15.82 1.46
C ILE A 49 18.76 -15.82 -0.02
N SER A 50 19.36 -14.97 -0.84
CA SER A 50 19.22 -15.10 -2.31
C SER A 50 19.53 -16.58 -2.67
N ASN A 51 20.75 -17.01 -2.53
CA ASN A 51 21.15 -18.44 -2.81
C ASN A 51 20.37 -19.26 -1.82
N ASN A 52 20.13 -20.55 -1.82
CA ASN A 52 19.16 -21.00 -0.68
C ASN A 52 19.92 -21.59 0.45
N GLU A 53 20.72 -20.71 1.10
CA GLU A 53 21.61 -20.98 2.19
C GLU A 53 21.02 -20.63 3.54
N ALA A 54 20.29 -19.56 3.57
CA ALA A 54 19.60 -19.00 4.74
C ALA A 54 18.15 -18.85 4.40
N ASP A 55 17.29 -18.52 5.33
CA ASP A 55 15.85 -18.42 5.08
C ASP A 55 15.25 -17.16 5.70
N ALA A 56 15.90 -16.60 6.69
CA ALA A 56 15.35 -15.34 7.27
C ALA A 56 16.36 -14.48 7.96
N ILE A 57 16.03 -13.20 8.23
CA ILE A 57 16.79 -12.17 8.88
C ILE A 57 15.75 -11.05 9.20
N SER A 58 15.88 -10.31 10.24
CA SER A 58 15.01 -9.12 10.46
C SER A 58 15.95 -7.94 10.10
N LEU A 59 15.68 -7.34 8.95
CA LEU A 59 16.47 -6.22 8.41
C LEU A 59 15.88 -4.87 8.77
N ASP A 60 16.69 -3.86 8.93
CA ASP A 60 16.29 -2.48 9.23
C ASP A 60 15.45 -2.03 8.01
N GLY A 61 14.74 -0.93 8.12
CA GLY A 61 14.00 -0.29 7.06
C GLY A 61 14.91 -0.04 5.88
N GLY A 62 16.08 0.57 6.08
CA GLY A 62 17.10 0.81 5.14
C GLY A 62 17.62 -0.35 4.34
N GLN A 63 17.73 -1.53 4.95
CA GLN A 63 18.29 -2.77 4.39
C GLN A 63 17.27 -3.80 3.93
N VAL A 64 15.97 -3.49 4.20
CA VAL A 64 14.82 -4.19 3.62
C VAL A 64 14.79 -3.59 2.18
N PHE A 65 15.08 -2.30 2.05
CA PHE A 65 15.19 -1.63 0.77
C PHE A 65 16.08 -2.41 -0.19
N GLU A 66 17.31 -2.70 0.20
CA GLU A 66 18.28 -3.30 -0.69
C GLU A 66 18.20 -4.78 -0.90
N ALA A 67 17.50 -5.43 -0.01
CA ALA A 67 17.14 -6.85 -0.04
C ALA A 67 16.04 -7.09 -1.06
N GLY A 68 15.19 -6.10 -1.29
CA GLY A 68 14.15 -6.09 -2.29
C GLY A 68 14.43 -5.77 -3.72
N LEU A 69 15.63 -5.49 -4.12
CA LEU A 69 16.23 -5.19 -5.37
C LEU A 69 16.87 -6.41 -6.01
N ALA A 70 16.92 -6.50 -7.32
CA ALA A 70 17.60 -7.61 -7.98
C ALA A 70 18.92 -7.69 -7.81
N PRO A 71 19.59 -8.90 -7.70
CA PRO A 71 19.35 -10.20 -8.22
C PRO A 71 18.75 -11.13 -7.13
N TYR A 72 18.32 -10.60 -6.03
CA TYR A 72 17.68 -11.28 -4.90
C TYR A 72 16.46 -10.42 -4.58
N LYS A 73 15.30 -10.94 -4.70
CA LYS A 73 14.13 -10.01 -4.49
C LYS A 73 13.37 -10.55 -3.32
N LEU A 74 13.99 -10.34 -2.15
CA LEU A 74 13.42 -10.78 -0.87
C LEU A 74 12.34 -9.76 -0.50
N LYS A 75 11.31 -10.28 0.17
CA LYS A 75 10.19 -9.43 0.58
C LYS A 75 9.91 -9.53 2.05
N PRO A 76 9.29 -8.47 2.59
CA PRO A 76 8.92 -8.41 4.00
C PRO A 76 7.83 -9.39 4.39
N ILE A 77 8.11 -10.44 5.14
CA ILE A 77 7.11 -11.40 5.57
C ILE A 77 6.56 -11.16 6.97
N ALA A 78 7.08 -10.26 7.75
CA ALA A 78 6.56 -9.97 9.11
C ALA A 78 7.28 -8.71 9.53
N ALA A 79 6.72 -7.98 10.40
CA ALA A 79 7.14 -6.74 10.91
C ALA A 79 7.05 -6.75 12.43
N GLU A 80 7.89 -5.93 13.03
CA GLU A 80 7.90 -5.69 14.46
C GLU A 80 6.80 -4.66 14.73
N VAL A 81 6.17 -4.84 15.83
CA VAL A 81 5.08 -4.06 16.41
C VAL A 81 5.61 -3.32 17.63
N TYR A 82 5.13 -2.10 18.02
CA TYR A 82 5.78 -1.39 19.06
C TYR A 82 5.15 -0.67 20.17
N GLU A 83 4.04 -0.13 20.38
CA GLU A 83 3.81 0.82 21.51
C GLU A 83 3.72 0.50 22.96
N ARG A 84 3.06 1.34 23.78
CA ARG A 84 2.69 1.44 25.15
C ARG A 84 1.19 1.84 25.32
N SER A 85 0.86 3.11 25.31
CA SER A 85 -0.49 3.66 25.51
C SER A 85 -1.12 4.25 24.24
N GLY A 86 -2.13 3.51 23.81
CA GLY A 86 -2.90 3.76 22.59
C GLY A 86 -3.08 2.44 21.81
N GLY A 87 -2.05 1.58 21.85
CA GLY A 87 -2.07 0.32 21.16
C GLY A 87 -0.70 -0.20 20.74
N SER A 88 -0.63 -0.51 19.45
CA SER A 88 0.50 -1.11 18.73
C SER A 88 0.79 -0.32 17.43
N THR A 89 2.00 -0.33 16.91
CA THR A 89 2.40 0.35 15.73
C THR A 89 3.43 -0.59 14.99
N THR A 90 3.43 -0.34 13.76
CA THR A 90 4.20 -0.86 12.65
C THR A 90 5.32 0.05 12.23
N SER A 91 5.48 1.17 12.94
CA SER A 91 6.53 2.15 12.66
C SER A 91 7.08 2.84 13.89
N TYR A 92 8.21 3.55 13.61
CA TYR A 92 8.93 4.31 14.64
C TYR A 92 9.41 5.63 14.10
N TYR A 93 9.71 6.52 14.99
CA TYR A 93 10.25 7.84 14.86
C TYR A 93 11.76 7.95 15.01
N ALA A 94 12.46 8.47 14.00
CA ALA A 94 13.91 8.71 14.05
C ALA A 94 14.06 9.96 14.90
N VAL A 95 14.99 9.95 15.86
CA VAL A 95 15.25 11.12 16.71
C VAL A 95 16.81 11.36 16.65
N ALA A 96 17.12 12.59 17.03
CA ALA A 96 18.51 13.09 17.17
C ALA A 96 18.63 13.52 18.64
N VAL A 97 19.29 12.66 19.42
CA VAL A 97 19.45 12.93 20.87
C VAL A 97 20.81 13.63 21.14
N VAL A 98 20.66 14.60 22.01
CA VAL A 98 21.67 15.52 22.53
C VAL A 98 21.64 15.51 24.08
N LYS A 99 22.67 16.08 24.69
CA LYS A 99 22.72 16.25 26.14
C LYS A 99 22.02 17.55 26.52
N LYS A 100 21.36 17.57 27.64
CA LYS A 100 20.75 18.84 28.11
C LYS A 100 21.99 19.68 28.43
N GLY A 101 21.87 20.98 28.26
CA GLY A 101 22.92 21.92 28.58
C GLY A 101 23.97 22.27 27.59
N THR A 102 24.11 21.52 26.52
CA THR A 102 25.06 21.90 25.38
C THR A 102 24.26 22.89 24.60
N ASP A 103 24.63 23.72 23.66
CA ASP A 103 23.61 24.71 23.17
C ASP A 103 23.47 24.86 21.69
N PHE A 104 23.77 23.85 20.93
CA PHE A 104 23.64 23.81 19.47
C PHE A 104 22.20 23.43 19.11
N MET A 105 21.76 24.05 18.05
CA MET A 105 20.45 23.79 17.41
C MET A 105 20.85 23.00 16.17
N ILE A 106 19.88 22.66 15.32
CA ILE A 106 20.11 21.91 14.08
C ILE A 106 20.99 22.69 13.11
N LYS A 107 20.88 24.00 13.10
CA LYS A 107 21.71 24.90 12.31
C LYS A 107 23.22 24.74 12.54
N ASP A 108 23.64 24.55 13.75
CA ASP A 108 24.94 24.42 14.35
C ASP A 108 25.56 23.06 14.41
N LEU A 109 25.26 22.10 13.61
CA LEU A 109 25.80 20.75 13.71
C LEU A 109 27.12 20.52 13.03
N ARG A 110 27.55 21.43 12.27
CA ARG A 110 28.76 21.32 11.39
C ARG A 110 29.96 21.42 12.28
N GLY A 111 30.90 20.50 12.13
CA GLY A 111 32.13 20.46 12.97
C GLY A 111 31.80 20.02 14.40
N LYS A 112 30.80 19.17 14.47
CA LYS A 112 30.23 18.51 15.64
C LYS A 112 30.65 17.01 15.42
N THR A 113 30.28 16.25 16.40
CA THR A 113 30.60 14.80 16.24
C THR A 113 29.34 14.01 16.50
N SER A 114 29.17 12.99 15.66
CA SER A 114 28.01 12.13 15.61
C SER A 114 28.22 10.64 15.83
N CYS A 115 27.17 10.16 16.53
CA CYS A 115 27.12 8.69 16.81
C CYS A 115 25.96 8.15 15.97
N HIS A 116 26.30 7.15 15.19
CA HIS A 116 25.37 6.55 14.24
C HIS A 116 25.20 5.08 14.55
N THR A 117 23.96 4.67 14.32
CA THR A 117 23.55 3.27 14.46
C THR A 117 24.26 2.43 13.42
N GLY A 118 24.29 2.89 12.20
CA GLY A 118 25.07 2.17 11.16
C GLY A 118 24.93 2.93 9.85
N LEU A 119 25.72 2.54 8.90
CA LEU A 119 25.71 2.99 7.51
C LEU A 119 24.55 2.24 6.80
N GLY A 120 23.60 2.98 6.26
CA GLY A 120 22.50 2.56 5.48
C GLY A 120 21.16 2.32 6.14
N ARG A 121 21.15 2.50 7.43
CA ARG A 121 20.11 2.31 8.39
C ARG A 121 19.27 3.53 8.53
N SER A 122 17.98 3.35 8.75
CA SER A 122 17.03 4.41 8.81
C SER A 122 17.35 5.56 9.72
N ALA A 123 17.13 5.42 11.00
CA ALA A 123 17.22 6.43 12.05
C ALA A 123 18.70 6.84 12.20
N GLY A 124 19.57 5.92 12.08
CA GLY A 124 20.98 6.02 12.12
C GLY A 124 21.70 6.70 10.99
N TRP A 125 21.33 6.50 9.75
CA TRP A 125 21.92 7.02 8.55
C TRP A 125 21.01 7.74 7.57
N ASN A 126 20.14 7.00 6.89
CA ASN A 126 19.23 7.58 5.90
C ASN A 126 18.46 8.79 6.38
N ILE A 127 17.71 8.77 7.43
CA ILE A 127 16.93 9.91 7.90
C ILE A 127 17.72 11.16 8.15
N PRO A 128 18.65 11.12 9.09
CA PRO A 128 19.51 12.28 9.38
C PRO A 128 20.49 12.68 8.33
N ILE A 129 21.14 11.94 7.50
CA ILE A 129 22.06 12.39 6.42
C ILE A 129 21.31 13.00 5.23
N GLY A 130 20.30 12.28 4.81
CA GLY A 130 19.33 12.68 3.82
C GLY A 130 18.72 14.00 4.22
N THR A 131 18.23 14.26 5.39
CA THR A 131 17.70 15.52 5.87
C THR A 131 18.77 16.60 5.84
N LEU A 132 20.05 16.38 5.91
CA LEU A 132 21.07 17.45 6.01
C LEU A 132 21.43 18.00 4.64
N ILE A 133 21.49 17.10 3.70
CA ILE A 133 21.63 17.32 2.31
C ILE A 133 20.49 18.22 1.79
N HIS A 134 19.26 17.76 2.07
CA HIS A 134 18.06 18.47 1.69
C HIS A 134 18.00 19.84 2.27
N ARG A 135 18.41 20.02 3.51
CA ARG A 135 18.41 21.37 4.08
C ARG A 135 19.55 22.25 3.54
N GLU A 136 20.81 22.10 3.86
CA GLU A 136 21.79 22.58 2.58
C GLU A 136 23.11 22.02 3.15
N ASP A 137 23.09 21.93 4.43
CA ASP A 137 24.11 21.57 5.37
C ASP A 137 25.09 20.62 4.75
N ILE A 138 24.77 19.39 4.52
CA ILE A 138 25.72 18.51 3.80
C ILE A 138 25.64 18.89 2.34
N GLU A 139 26.78 19.30 1.78
CA GLU A 139 26.91 19.71 0.38
C GLU A 139 27.39 18.58 -0.53
N TRP A 140 26.44 17.84 -1.03
CA TRP A 140 26.58 16.68 -1.92
C TRP A 140 25.64 16.94 -3.10
N GLU A 141 26.15 17.22 -4.29
CA GLU A 141 25.14 17.46 -5.39
C GLU A 141 25.53 16.56 -6.54
N GLY A 142 25.47 15.28 -6.14
CA GLY A 142 25.66 14.09 -6.81
C GLY A 142 27.00 13.56 -7.22
N ILE A 143 26.85 12.30 -7.61
CA ILE A 143 27.79 11.37 -8.16
C ILE A 143 27.33 11.05 -9.60
N GLU A 144 27.89 11.84 -10.51
CA GLU A 144 27.61 11.63 -11.98
C GLU A 144 28.72 10.63 -12.36
N SER A 145 29.83 10.89 -11.79
CA SER A 145 31.14 10.52 -11.52
C SER A 145 31.66 11.69 -10.59
N GLY A 146 30.75 11.94 -9.64
CA GLY A 146 31.07 12.93 -8.54
C GLY A 146 31.55 11.96 -7.41
N ILE A 147 32.57 12.34 -6.66
CA ILE A 147 32.95 11.39 -5.53
C ILE A 147 31.90 11.82 -4.47
N SER A 148 31.48 10.82 -3.63
CA SER A 148 30.35 11.15 -2.80
C SER A 148 29.75 10.84 -1.53
N GLU A 149 28.97 9.84 -1.18
CA GLU A 149 28.05 9.82 -0.01
C GLU A 149 28.57 10.08 1.37
N GLN A 150 29.80 9.75 1.60
CA GLN A 150 30.71 9.98 2.72
C GLN A 150 31.47 11.28 2.36
N ALA A 151 30.71 12.37 2.55
CA ALA A 151 30.78 13.78 2.40
C ALA A 151 30.13 14.44 3.67
N VAL A 152 29.95 13.53 4.60
CA VAL A 152 29.48 13.68 5.99
C VAL A 152 30.77 13.79 6.81
N ALA A 153 31.76 13.06 6.33
CA ALA A 153 33.14 13.15 6.72
C ALA A 153 33.55 14.62 6.60
N LYS A 154 33.25 15.36 5.53
CA LYS A 154 33.46 16.80 5.47
C LYS A 154 32.63 17.58 6.49
N PHE A 155 31.35 17.28 6.65
CA PHE A 155 30.44 18.00 7.56
C PHE A 155 30.74 17.83 9.02
N PHE A 156 30.81 16.59 9.45
CA PHE A 156 31.11 16.21 10.87
C PHE A 156 32.60 16.24 11.08
N SER A 157 33.17 16.59 12.22
CA SER A 157 34.69 16.59 12.29
C SER A 157 35.23 15.16 12.36
N ALA A 158 34.57 14.30 13.09
CA ALA A 158 34.72 12.89 13.32
C ALA A 158 33.37 12.30 13.81
N SER A 159 33.17 11.09 13.39
CA SER A 159 31.94 10.35 13.68
C SER A 159 32.21 8.92 14.10
N CYS A 160 31.11 8.27 14.53
CA CYS A 160 31.18 6.81 14.71
C CYS A 160 30.05 6.29 13.81
N VAL A 161 30.47 5.71 12.69
CA VAL A 161 29.54 5.19 11.71
C VAL A 161 29.98 3.77 11.32
N PRO A 162 29.31 2.85 12.02
CA PRO A 162 29.50 1.42 11.80
C PRO A 162 29.06 1.01 10.40
N GLY A 163 30.00 0.47 9.67
CA GLY A 163 29.91 -0.10 8.37
C GLY A 163 30.73 0.67 7.36
N ALA A 164 31.12 1.85 7.80
CA ALA A 164 31.89 2.78 6.94
C ALA A 164 33.21 2.11 6.65
N THR A 165 33.49 1.80 5.41
CA THR A 165 34.81 1.14 5.13
C THR A 165 35.52 1.95 4.06
N ILE A 166 35.06 3.20 3.96
CA ILE A 166 35.51 4.19 2.99
C ILE A 166 36.28 5.36 3.60
N GLU A 167 35.66 5.92 4.62
CA GLU A 167 36.16 7.02 5.39
C GLU A 167 36.67 6.53 6.75
N GLN A 168 37.57 7.39 7.21
CA GLN A 168 38.30 7.24 8.44
C GLN A 168 37.80 8.16 9.52
N LYS A 169 37.33 9.33 9.18
CA LYS A 169 36.68 10.32 10.00
C LYS A 169 35.38 9.79 10.61
N LEU A 170 34.69 8.98 9.85
CA LEU A 170 33.48 8.23 10.05
C LEU A 170 33.71 7.02 10.95
N CYS A 171 34.94 6.48 10.95
CA CYS A 171 35.29 5.42 11.87
C CYS A 171 35.88 5.93 13.14
N ARG A 172 36.28 7.16 13.17
CA ARG A 172 36.94 7.84 14.26
C ARG A 172 36.36 7.82 15.64
N GLN A 173 35.10 8.00 15.94
CA GLN A 173 34.65 8.04 17.35
C GLN A 173 34.28 6.69 17.92
N CYS A 174 34.48 5.63 17.20
CA CYS A 174 34.08 4.28 17.54
C CYS A 174 35.00 3.60 18.56
N LYS A 175 34.35 3.07 19.57
CA LYS A 175 35.02 2.30 20.65
C LYS A 175 35.30 0.91 20.14
N GLY A 176 36.19 0.19 20.76
CA GLY A 176 36.49 -1.18 20.26
C GLY A 176 37.94 -1.17 19.77
N ASP A 177 38.33 -2.28 19.18
CA ASP A 177 39.70 -2.52 18.74
C ASP A 177 40.24 -1.54 17.74
N ALA A 178 40.65 -2.08 16.61
CA ALA A 178 41.28 -1.29 15.53
C ALA A 178 40.61 -1.73 14.23
N LYS A 179 40.53 -3.04 14.13
CA LYS A 179 39.89 -3.74 13.00
C LYS A 179 38.38 -3.76 13.21
N THR A 180 37.99 -4.00 14.44
CA THR A 180 36.65 -4.15 14.93
C THR A 180 35.91 -2.99 15.57
N LYS A 181 36.35 -1.77 15.49
CA LYS A 181 35.66 -0.65 16.12
C LYS A 181 34.56 -0.12 15.20
N CYS A 182 34.82 -0.29 13.94
CA CYS A 182 34.02 0.12 12.83
C CYS A 182 33.40 -1.03 12.03
N LEU A 183 33.03 -2.04 12.76
CA LEU A 183 32.31 -3.19 12.17
C LEU A 183 30.82 -2.93 12.40
N ARG A 184 29.96 -3.68 11.74
CA ARG A 184 28.51 -3.50 11.86
C ARG A 184 28.02 -3.83 13.24
N ASN A 185 28.48 -4.95 13.76
CA ASN A 185 28.24 -5.55 15.08
C ASN A 185 29.15 -5.04 16.20
N GLY A 186 30.18 -4.30 15.94
CA GLY A 186 31.13 -3.60 16.80
C GLY A 186 30.38 -2.90 17.92
N PRO A 187 31.04 -2.50 19.00
CA PRO A 187 30.43 -2.01 20.22
C PRO A 187 29.56 -0.80 20.27
N TYR A 188 29.73 0.08 19.31
CA TYR A 188 29.01 1.33 19.16
C TYR A 188 27.90 1.26 18.12
N SER A 189 27.46 0.09 17.75
CA SER A 189 26.36 -0.10 16.82
C SER A 189 25.03 -0.41 17.52
N GLY A 190 24.05 -0.07 16.69
CA GLY A 190 22.62 -0.20 16.95
C GLY A 190 22.23 1.11 17.60
N TYR A 191 20.99 1.14 18.05
CA TYR A 191 20.44 2.33 18.70
C TYR A 191 21.19 2.63 19.98
N SER A 192 21.31 1.54 20.74
CA SER A 192 21.90 1.33 22.05
C SER A 192 23.37 1.61 22.14
N GLY A 193 24.17 1.17 21.18
CA GLY A 193 25.58 1.52 21.06
C GLY A 193 25.79 2.98 20.70
N ALA A 194 24.94 3.53 19.82
CA ALA A 194 25.02 4.92 19.36
C ALA A 194 24.63 5.84 20.51
N PHE A 195 23.71 5.34 21.35
CA PHE A 195 23.39 6.02 22.60
C PHE A 195 24.57 6.03 23.57
N GLN A 196 25.31 4.97 23.68
CA GLN A 196 26.47 4.79 24.56
C GLN A 196 27.64 5.64 24.11
N CYS A 197 27.76 5.76 22.80
CA CYS A 197 28.74 6.61 22.09
C CYS A 197 28.54 8.02 22.62
N LEU A 198 27.31 8.52 22.69
CA LEU A 198 26.93 9.78 23.27
C LEU A 198 27.05 9.88 24.78
N LYS A 199 26.72 8.88 25.57
CA LYS A 199 26.82 8.85 27.03
C LYS A 199 28.26 9.15 27.45
N ASP A 200 29.22 8.50 26.86
CA ASP A 200 30.63 8.57 26.91
C ASP A 200 31.30 9.92 26.63
N GLY A 201 30.78 10.63 25.66
CA GLY A 201 31.13 11.91 25.14
C GLY A 201 31.91 11.70 23.84
N LYS A 202 31.61 10.63 23.11
CA LYS A 202 32.25 10.33 21.82
C LYS A 202 31.49 10.89 20.63
N GLY A 203 30.49 11.68 20.88
CA GLY A 203 29.62 12.33 19.90
C GLY A 203 28.89 13.44 20.70
N ASP A 204 28.40 14.35 19.94
CA ASP A 204 27.58 15.48 20.38
C ASP A 204 26.07 15.22 20.26
N VAL A 205 25.75 14.32 19.33
CA VAL A 205 24.47 13.84 18.96
C VAL A 205 24.52 12.32 18.61
N ALA A 206 23.35 11.77 18.92
CA ALA A 206 23.21 10.30 18.51
C ALA A 206 21.95 10.29 17.66
N PHE A 207 22.03 9.63 16.56
CA PHE A 207 20.98 9.44 15.56
C PHE A 207 20.34 8.10 15.85
N VAL A 208 19.29 8.18 16.69
CA VAL A 208 18.66 6.98 17.26
C VAL A 208 17.13 7.05 17.11
N LYS A 209 16.46 6.12 17.77
CA LYS A 209 15.02 5.96 17.77
C LYS A 209 14.41 6.55 19.05
N HIS A 210 13.10 6.54 19.13
CA HIS A 210 12.30 7.23 20.10
C HIS A 210 12.18 6.64 21.47
N THR A 211 12.60 5.41 21.60
CA THR A 211 12.66 4.61 22.80
C THR A 211 14.07 4.44 23.30
N THR A 212 15.07 4.98 22.61
CA THR A 212 16.48 4.78 23.00
C THR A 212 16.84 5.43 24.30
N VAL A 213 16.35 6.62 24.68
CA VAL A 213 16.75 7.12 26.02
C VAL A 213 16.17 6.13 27.04
N GLN A 214 14.87 5.86 27.02
CA GLN A 214 14.12 5.03 27.91
C GLN A 214 14.46 3.56 28.07
N GLU A 215 15.18 2.95 27.20
CA GLU A 215 15.63 1.59 27.22
C GLU A 215 17.06 1.50 27.79
N ASN A 216 17.76 2.62 27.71
CA ASN A 216 19.13 2.84 28.06
C ASN A 216 19.34 3.77 29.24
N ALA A 217 18.31 4.49 29.66
CA ALA A 217 18.42 5.46 30.76
C ALA A 217 17.10 6.08 31.10
N PRO A 218 16.21 5.22 31.61
CA PRO A 218 14.84 5.61 32.04
C PRO A 218 14.84 6.44 33.32
N GLU A 219 15.88 6.21 34.06
CA GLU A 219 16.44 6.66 35.25
C GLU A 219 16.99 8.08 35.03
N GLU A 220 17.79 8.30 33.98
CA GLU A 220 18.38 9.63 33.75
C GLU A 220 17.94 10.29 32.48
N LYS A 221 16.64 10.28 32.19
CA LYS A 221 16.04 10.88 31.00
C LYS A 221 16.01 12.38 30.96
N ASP A 222 16.02 13.07 32.07
CA ASP A 222 15.99 14.49 32.32
C ASP A 222 17.25 15.27 31.94
N GLU A 223 18.28 14.58 31.60
CA GLU A 223 19.63 14.87 31.27
C GLU A 223 19.94 14.87 29.82
N TYR A 224 18.95 14.42 29.04
CA TYR A 224 18.94 14.40 27.60
C TYR A 224 17.67 15.11 27.10
N GLU A 225 17.78 15.44 25.84
CA GLU A 225 16.83 16.19 25.05
C GLU A 225 16.88 15.78 23.57
N LEU A 226 15.95 16.35 22.81
CA LEU A 226 15.83 16.03 21.38
C LEU A 226 16.17 17.28 20.59
N LEU A 227 16.60 17.06 19.41
CA LEU A 227 17.00 18.12 18.46
C LEU A 227 15.98 18.19 17.36
N CYS A 228 15.05 19.14 17.48
CA CYS A 228 13.99 19.27 16.47
C CYS A 228 14.50 20.01 15.23
N LEU A 229 13.77 19.76 14.16
CA LEU A 229 14.01 20.20 12.80
C LEU A 229 13.67 21.66 12.53
N ASP A 230 12.93 22.23 13.45
CA ASP A 230 12.47 23.58 13.49
C ASP A 230 13.40 24.53 14.26
N GLY A 231 14.57 24.05 14.67
CA GLY A 231 15.62 24.84 15.29
C GLY A 231 15.33 25.23 16.72
N SER A 232 14.84 24.23 17.41
CA SER A 232 14.45 24.17 18.80
C SER A 232 14.89 22.75 19.29
N ARG A 233 14.76 22.70 20.58
CA ARG A 233 14.99 21.53 21.41
C ARG A 233 13.66 21.20 22.13
N GLN A 234 13.41 19.92 22.23
CA GLN A 234 12.22 19.44 22.97
C GLN A 234 12.69 18.29 23.85
N PRO A 235 11.93 18.11 24.91
CA PRO A 235 12.12 17.04 25.90
C PRO A 235 12.06 15.67 25.28
N VAL A 236 12.63 14.70 26.01
CA VAL A 236 12.76 13.29 25.55
C VAL A 236 11.42 12.69 25.17
N ASP A 237 10.39 12.96 25.89
CA ASP A 237 9.03 12.49 25.74
C ASP A 237 8.19 13.28 24.76
N SER A 238 8.74 14.37 24.28
CA SER A 238 8.13 15.24 23.26
C SER A 238 8.61 14.89 21.86
N TYR A 239 8.80 13.65 21.51
CA TYR A 239 9.28 13.15 20.27
C TYR A 239 8.26 13.05 19.15
N LYS A 240 7.00 13.14 19.49
CA LYS A 240 5.86 13.07 18.58
C LYS A 240 5.78 14.38 17.80
N THR A 241 6.19 15.46 18.46
CA THR A 241 6.36 16.79 17.95
C THR A 241 7.83 17.20 17.77
N CYS A 242 8.76 16.29 17.80
CA CYS A 242 10.21 16.54 17.67
C CYS A 242 11.02 15.36 17.17
N ASN A 243 10.65 14.86 16.00
CA ASN A 243 11.32 13.75 15.34
C ASN A 243 11.65 14.20 13.89
N TRP A 244 12.49 13.39 13.27
CA TRP A 244 13.01 13.62 11.96
C TRP A 244 12.30 12.83 10.89
N ALA A 245 11.57 11.83 11.25
CA ALA A 245 10.85 10.93 10.40
C ALA A 245 10.23 9.80 11.23
N ARG A 246 9.44 9.09 10.47
CA ARG A 246 8.59 7.95 10.87
C ARG A 246 8.89 6.90 9.81
N VAL A 247 9.53 5.83 10.22
CA VAL A 247 9.96 4.81 9.27
C VAL A 247 9.31 3.47 9.64
N ALA A 248 9.46 2.65 8.64
CA ALA A 248 8.83 1.31 8.66
C ALA A 248 9.63 0.42 9.60
N ALA A 249 8.95 -0.20 10.57
CA ALA A 249 9.54 -1.13 11.53
C ALA A 249 10.54 -2.04 10.85
N HIS A 250 11.46 -2.55 11.65
CA HIS A 250 12.37 -3.61 11.09
C HIS A 250 11.45 -4.75 10.72
N ALA A 251 11.79 -5.61 9.79
CA ALA A 251 10.93 -6.69 9.34
C ALA A 251 11.72 -7.81 8.70
N VAL A 252 11.20 -9.02 8.80
CA VAL A 252 11.74 -10.27 8.38
C VAL A 252 11.53 -10.47 6.90
N VAL A 253 12.60 -10.71 6.21
CA VAL A 253 12.61 -10.80 4.75
C VAL A 253 12.93 -12.27 4.48
N ALA A 254 12.43 -12.76 3.39
CA ALA A 254 12.56 -14.18 3.04
C ALA A 254 12.33 -14.34 1.57
N ARG A 255 12.74 -15.48 1.02
CA ARG A 255 12.56 -15.60 -0.47
C ARG A 255 11.10 -15.51 -0.81
N ASP A 256 10.75 -14.88 -1.97
CA ASP A 256 9.31 -14.91 -2.35
C ASP A 256 9.05 -16.36 -2.79
N ASP A 257 9.87 -16.81 -3.72
CA ASP A 257 9.93 -18.15 -4.27
C ASP A 257 10.26 -19.20 -3.22
N SER A 258 9.47 -19.42 -2.18
CA SER A 258 9.78 -20.40 -1.15
C SER A 258 8.67 -20.43 -0.09
N LYS A 259 9.04 -21.06 0.99
CA LYS A 259 8.55 -21.46 2.24
C LYS A 259 8.41 -20.38 3.31
N ILE A 260 7.52 -19.44 2.99
CA ILE A 260 7.16 -18.29 3.81
C ILE A 260 6.16 -18.70 4.88
N ASP A 261 5.60 -19.87 4.81
CA ASP A 261 4.62 -20.47 5.70
C ASP A 261 5.23 -21.09 6.95
N ASP A 262 6.38 -21.68 6.80
CA ASP A 262 7.16 -22.35 7.86
C ASP A 262 7.88 -21.36 8.74
N ILE A 263 8.40 -20.31 8.09
CA ILE A 263 9.00 -19.19 8.79
C ILE A 263 7.88 -18.54 9.59
N TRP A 264 6.71 -18.26 9.07
CA TRP A 264 5.60 -17.63 9.85
C TRP A 264 5.08 -18.62 10.88
N SER A 265 4.97 -19.90 10.58
CA SER A 265 4.61 -20.94 11.56
C SER A 265 5.61 -20.92 12.75
N PHE A 266 6.90 -21.02 12.53
CA PHE A 266 7.90 -20.93 13.57
C PHE A 266 7.69 -19.67 14.47
N LEU A 267 7.63 -18.53 13.84
CA LEU A 267 7.51 -17.17 14.33
C LEU A 267 6.24 -16.92 15.11
N GLY A 268 5.12 -17.34 14.55
CA GLY A 268 3.76 -17.33 15.16
C GLY A 268 3.86 -18.13 16.50
N MET A 269 4.31 -19.38 16.46
CA MET A 269 4.58 -20.28 17.58
C MET A 269 5.52 -19.65 18.62
N GLN A 270 6.78 -19.43 18.21
CA GLN A 270 7.83 -18.80 19.00
C GLN A 270 7.29 -17.67 19.84
N ALA A 271 6.67 -16.66 19.29
CA ALA A 271 6.13 -15.45 19.84
C ALA A 271 5.03 -15.67 20.86
N TYR A 272 4.26 -16.70 20.66
CA TYR A 272 3.07 -17.14 21.39
C TYR A 272 3.51 -17.81 22.65
N SER A 273 4.67 -18.45 22.54
CA SER A 273 5.37 -19.16 23.61
C SER A 273 6.41 -18.28 24.32
N LEU A 274 7.37 -17.69 23.60
CA LEU A 274 8.47 -16.91 24.13
C LEU A 274 8.30 -15.42 23.95
N GLY A 275 7.08 -14.93 23.96
CA GLY A 275 6.70 -13.52 23.71
C GLY A 275 6.90 -12.60 24.85
N VAL A 276 6.31 -11.43 24.87
CA VAL A 276 6.48 -10.41 25.90
C VAL A 276 6.26 -10.83 27.34
N ASP A 277 5.19 -11.50 27.61
CA ASP A 277 5.05 -12.07 28.99
C ASP A 277 5.24 -13.58 28.72
N THR A 278 6.47 -14.01 28.73
CA THR A 278 6.71 -15.47 28.62
C THR A 278 6.38 -15.95 30.04
N THR A 279 6.39 -17.26 30.21
CA THR A 279 6.05 -17.82 31.56
C THR A 279 7.29 -18.21 32.29
N SER A 280 8.44 -17.66 31.85
CA SER A 280 9.68 -17.66 32.48
C SER A 280 10.95 -17.18 31.85
N ASP A 281 11.70 -17.98 31.10
CA ASP A 281 13.08 -17.46 30.85
C ASP A 281 13.47 -17.13 29.46
N PHE A 282 13.13 -17.86 28.42
CA PHE A 282 13.55 -17.41 27.06
C PHE A 282 12.56 -16.33 26.60
N HIS A 283 13.09 -15.13 26.43
CA HIS A 283 12.32 -13.99 25.95
C HIS A 283 12.74 -13.67 24.52
N LEU A 284 11.82 -13.60 23.56
CA LEU A 284 12.34 -13.24 22.22
C LEU A 284 12.58 -11.75 22.09
N PHE A 285 11.91 -10.92 22.84
CA PHE A 285 11.98 -9.45 22.92
C PHE A 285 11.96 -9.05 24.42
N GLY A 286 13.07 -8.62 25.03
CA GLY A 286 13.08 -8.23 26.49
C GLY A 286 14.18 -7.27 26.88
N PRO A 287 13.82 -5.98 27.14
CA PRO A 287 14.69 -4.83 27.32
C PRO A 287 14.71 -3.85 28.45
N PRO A 288 15.28 -4.24 29.58
CA PRO A 288 15.28 -3.40 30.78
C PRO A 288 16.45 -2.48 30.96
N GLY A 289 16.42 -1.78 32.11
CA GLY A 289 17.41 -0.80 32.58
C GLY A 289 18.81 -1.32 32.15
N LYS A 290 19.26 -0.71 31.11
CA LYS A 290 20.37 -0.98 30.27
C LYS A 290 21.15 -2.25 30.64
N LYS A 291 21.31 -3.00 29.54
CA LYS A 291 22.17 -4.23 29.58
C LYS A 291 23.47 -3.74 28.95
N ASP A 292 24.25 -4.57 28.34
CA ASP A 292 25.52 -4.06 27.68
C ASP A 292 25.11 -3.98 26.22
N PRO A 293 25.29 -2.83 25.60
CA PRO A 293 24.86 -2.53 24.24
C PRO A 293 24.91 -3.59 23.19
N VAL A 294 25.83 -4.49 23.12
CA VAL A 294 26.07 -5.64 22.30
C VAL A 294 25.10 -6.82 22.50
N LEU A 295 24.40 -6.81 23.61
CA LEU A 295 23.42 -7.71 24.12
C LEU A 295 22.00 -7.33 23.65
N LYS A 296 21.83 -6.08 23.30
CA LYS A 296 20.64 -5.46 22.82
C LYS A 296 20.52 -5.61 21.30
N ASP A 297 19.28 -5.86 20.94
CA ASP A 297 18.64 -5.97 19.63
C ASP A 297 19.07 -7.20 18.85
N LEU A 298 19.11 -8.32 19.57
CA LEU A 298 19.52 -9.62 18.98
C LEU A 298 18.33 -10.37 18.44
N LEU A 299 18.44 -10.74 17.19
CA LEU A 299 17.41 -11.34 16.36
C LEU A 299 16.43 -10.26 15.93
N PHE A 300 15.70 -9.64 16.77
CA PHE A 300 14.72 -8.66 16.86
C PHE A 300 15.11 -7.60 17.89
N LYS A 301 14.67 -6.41 17.63
CA LYS A 301 14.85 -5.26 18.44
C LYS A 301 14.17 -5.52 19.77
N ASP A 302 14.78 -4.96 20.82
CA ASP A 302 14.31 -5.10 22.20
C ASP A 302 12.98 -4.41 22.38
N SER A 303 12.71 -3.32 21.70
CA SER A 303 11.50 -2.50 21.76
C SER A 303 10.30 -3.10 21.06
N ALA A 304 10.41 -4.09 20.26
CA ALA A 304 9.44 -4.90 19.58
C ALA A 304 8.64 -5.72 20.61
N ILE A 305 7.32 -5.64 20.54
CA ILE A 305 6.40 -6.33 21.42
C ILE A 305 5.64 -7.50 20.83
N MET A 306 5.71 -7.70 19.56
CA MET A 306 5.00 -8.69 18.76
C MET A 306 5.57 -8.68 17.37
N LEU A 307 5.25 -9.65 16.58
CA LEU A 307 5.59 -9.72 15.16
C LEU A 307 4.21 -9.96 14.46
N LYS A 308 3.90 -9.02 13.59
CA LYS A 308 2.73 -8.92 12.75
C LYS A 308 2.96 -9.44 11.35
N ARG A 309 2.26 -10.48 10.92
CA ARG A 309 2.35 -10.95 9.53
C ARG A 309 1.98 -9.86 8.50
N VAL A 310 2.79 -9.88 7.47
CA VAL A 310 2.74 -8.95 6.33
C VAL A 310 2.01 -9.70 5.19
N PRO A 311 0.95 -8.99 4.70
CA PRO A 311 0.13 -9.51 3.61
C PRO A 311 1.04 -9.86 2.43
N GLU A 312 0.78 -10.91 1.70
CA GLU A 312 1.49 -11.37 0.53
C GLU A 312 1.70 -10.43 -0.65
N LEU A 313 0.86 -9.46 -0.89
CA LEU A 313 0.97 -8.45 -1.89
C LEU A 313 2.09 -7.43 -1.66
N MET A 314 2.46 -7.15 -0.46
CA MET A 314 3.51 -6.25 -0.07
C MET A 314 4.87 -6.62 -0.69
N ASP A 315 5.59 -5.62 -1.06
CA ASP A 315 7.01 -5.73 -1.55
C ASP A 315 7.70 -4.71 -0.64
N SER A 316 8.96 -4.51 -0.90
CA SER A 316 9.77 -3.53 -0.11
C SER A 316 9.34 -2.13 -0.46
N GLN A 317 9.12 -1.87 -1.77
CA GLN A 317 8.67 -0.58 -2.25
C GLN A 317 7.43 -0.08 -1.54
N LEU A 318 6.40 -0.88 -1.50
CA LEU A 318 5.16 -0.71 -0.77
C LEU A 318 5.36 -0.71 0.73
N TYR A 319 6.30 -1.58 1.19
CA TYR A 319 6.61 -1.70 2.61
C TYR A 319 7.15 -0.41 3.15
N LEU A 320 8.13 0.23 2.56
CA LEU A 320 8.74 1.47 3.03
C LEU A 320 7.93 2.73 2.82
N GLY A 321 7.02 2.75 1.85
CA GLY A 321 6.16 3.90 1.57
C GLY A 321 6.63 4.63 0.33
N PHE A 322 6.04 5.78 0.07
CA PHE A 322 6.38 6.54 -1.16
C PHE A 322 7.43 7.57 -0.81
N GLU A 323 7.20 8.30 0.24
CA GLU A 323 8.16 9.25 0.80
C GLU A 323 9.50 8.65 1.18
N TYR A 324 9.49 7.59 2.01
CA TYR A 324 10.76 6.96 2.49
C TYR A 324 11.41 6.18 1.37
N TYR A 325 10.69 5.52 0.51
CA TYR A 325 11.32 4.81 -0.61
C TYR A 325 12.16 5.76 -1.47
N SER A 326 11.59 6.85 -1.87
CA SER A 326 12.07 7.97 -2.65
C SER A 326 13.16 8.78 -1.93
N ALA A 327 13.19 8.91 -0.60
CA ALA A 327 14.25 9.50 0.18
C ALA A 327 15.51 8.59 0.18
N ILE A 328 15.31 7.30 0.21
CA ILE A 328 16.40 6.34 0.09
C ILE A 328 17.07 6.58 -1.28
N GLN A 329 16.35 6.45 -2.33
CA GLN A 329 16.60 6.70 -3.72
C GLN A 329 17.42 7.92 -4.07
N SER A 330 17.04 9.08 -3.56
CA SER A 330 17.65 10.38 -3.61
C SER A 330 19.17 10.45 -3.41
N LEU A 331 19.55 9.92 -2.25
CA LEU A 331 20.91 9.77 -1.77
C LEU A 331 21.51 8.44 -2.22
N ARG A 332 20.74 7.37 -2.23
CA ARG A 332 21.23 6.01 -2.58
C ARG A 332 21.66 5.83 -4.02
N LYS A 333 20.98 6.46 -4.94
CA LYS A 333 21.34 6.41 -6.38
C LYS A 333 21.54 7.88 -6.77
N ASP A 334 21.76 8.16 -7.99
CA ASP A 334 21.92 9.42 -8.69
C ASP A 334 21.19 10.60 -8.03
N GLN A 335 21.74 11.75 -8.40
CA GLN A 335 21.10 13.07 -8.12
C GLN A 335 19.85 13.03 -9.03
N LEU A 336 18.71 13.09 -8.40
CA LEU A 336 17.38 13.03 -9.07
C LEU A 336 16.67 14.31 -8.62
N THR A 337 17.14 15.41 -9.19
CA THR A 337 16.93 16.79 -8.86
C THR A 337 16.17 17.84 -9.59
N VAL A 338 15.11 17.75 -10.36
CA VAL A 338 14.31 18.81 -10.94
C VAL A 338 13.13 18.20 -11.75
N GLY A 339 12.73 17.00 -11.25
CA GLY A 339 11.59 16.26 -11.74
C GLY A 339 10.63 15.56 -10.83
N PRO A 340 10.09 16.31 -9.84
CA PRO A 340 9.14 15.89 -8.83
C PRO A 340 7.69 15.69 -9.27
N ARG A 341 7.25 16.42 -10.28
CA ARG A 341 5.88 16.27 -10.80
C ARG A 341 5.89 16.12 -12.30
N GLU A 342 7.06 16.08 -12.94
CA GLU A 342 7.32 15.96 -14.38
C GLU A 342 6.06 16.17 -15.20
N ASN A 343 5.59 17.38 -15.24
CA ASN A 343 4.44 18.11 -15.64
C ASN A 343 3.69 17.58 -16.87
N LYS A 344 3.16 16.38 -16.73
CA LYS A 344 2.48 15.52 -17.63
C LYS A 344 1.92 14.74 -16.45
N ILE A 345 0.80 14.00 -15.91
CA ILE A 345 0.16 13.36 -15.11
C ILE A 345 0.19 12.13 -16.01
N GLN A 346 0.35 10.98 -15.38
CA GLN A 346 0.32 9.63 -15.90
C GLN A 346 -1.04 8.97 -15.59
N TRP A 347 -1.91 8.81 -16.57
CA TRP A 347 -3.19 8.18 -16.40
C TRP A 347 -3.02 6.66 -16.36
N CYS A 348 -3.72 6.01 -15.44
CA CYS A 348 -3.72 4.57 -15.38
C CYS A 348 -4.95 3.96 -16.08
N ALA A 349 -4.67 3.21 -17.09
CA ALA A 349 -5.46 2.50 -18.03
C ALA A 349 -5.35 1.00 -17.87
N VAL A 350 -6.41 0.34 -17.61
CA VAL A 350 -6.69 -1.06 -17.44
C VAL A 350 -6.94 -1.76 -18.79
N GLY A 351 -5.95 -2.50 -19.25
CA GLY A 351 -5.94 -3.31 -20.42
C GLY A 351 -5.84 -2.54 -21.71
N LYS A 352 -5.81 -3.14 -22.86
CA LYS A 352 -5.60 -2.48 -24.12
C LYS A 352 -6.56 -1.57 -24.79
N ASP A 353 -7.85 -1.58 -24.57
CA ASP A 353 -8.84 -0.68 -25.12
C ASP A 353 -8.79 0.67 -24.48
N GLU A 354 -8.55 0.73 -23.18
CA GLU A 354 -8.45 2.00 -22.44
C GLU A 354 -7.10 2.65 -22.71
N LYS A 355 -6.11 1.83 -23.00
CA LYS A 355 -4.78 2.30 -23.39
C LYS A 355 -4.87 3.12 -24.67
N SER A 356 -5.47 2.56 -25.73
CA SER A 356 -5.71 3.14 -27.03
C SER A 356 -6.56 4.41 -26.91
N LYS A 357 -7.58 4.38 -26.08
CA LYS A 357 -8.40 5.55 -25.80
C LYS A 357 -7.50 6.56 -25.10
N CYS A 358 -6.78 6.14 -24.06
CA CYS A 358 -5.88 7.08 -23.38
C CYS A 358 -4.92 7.73 -24.35
N ASP A 359 -4.21 6.93 -25.14
CA ASP A 359 -3.19 7.31 -26.09
C ASP A 359 -3.64 8.41 -27.05
N ARG A 360 -4.87 8.38 -27.46
CA ARG A 360 -5.60 9.29 -28.25
C ARG A 360 -5.76 10.59 -27.45
N TRP A 361 -6.15 10.47 -26.21
CA TRP A 361 -6.23 11.65 -25.28
C TRP A 361 -4.86 12.32 -25.16
N SER A 362 -3.81 11.50 -24.96
CA SER A 362 -2.44 12.04 -24.92
C SER A 362 -2.18 12.85 -26.19
N VAL A 363 -2.22 12.24 -27.36
CA VAL A 363 -2.01 12.87 -28.67
C VAL A 363 -2.68 14.26 -28.79
N VAL A 364 -3.99 14.20 -28.68
CA VAL A 364 -4.92 15.28 -28.81
C VAL A 364 -4.71 16.44 -27.88
N SER A 365 -4.32 16.17 -26.64
CA SER A 365 -4.15 17.13 -25.57
C SER A 365 -2.83 17.86 -25.66
N ASN A 366 -1.91 17.35 -26.41
CA ASN A 366 -0.57 17.75 -26.74
C ASN A 366 0.39 17.25 -25.62
N GLY A 367 0.02 16.06 -25.17
CA GLY A 367 0.72 15.38 -24.10
C GLY A 367 0.54 16.05 -22.78
N GLU A 368 -0.63 16.53 -22.42
CA GLU A 368 -0.86 17.09 -21.09
C GLU A 368 -1.13 15.85 -20.20
N VAL A 369 -1.83 14.91 -20.79
CA VAL A 369 -2.12 13.63 -20.12
C VAL A 369 -1.19 12.65 -20.86
N GLU A 370 -0.63 11.78 -20.07
CA GLU A 370 0.31 10.74 -20.52
C GLU A 370 -0.31 9.46 -19.91
N CYS A 371 0.11 8.35 -20.50
CA CYS A 371 -0.44 7.08 -20.19
C CYS A 371 0.45 5.92 -19.78
N THR A 372 -0.12 5.28 -18.77
CA THR A 372 0.36 4.06 -18.12
C THR A 372 -0.64 2.96 -18.52
N ILE A 373 -0.19 1.73 -18.46
CA ILE A 373 -1.05 0.56 -18.71
C ILE A 373 -0.96 -0.52 -17.65
N LEU A 374 -2.06 -1.14 -17.23
CA LEU A 374 -2.08 -2.28 -16.31
C LEU A 374 -3.26 -3.19 -16.67
N ASP A 375 -3.28 -4.37 -16.09
CA ASP A 375 -4.24 -5.42 -16.41
C ASP A 375 -5.45 -5.48 -15.52
N ASP A 376 -5.51 -4.76 -14.44
CA ASP A 376 -6.47 -4.80 -13.37
C ASP A 376 -6.70 -3.41 -12.85
N ASN A 377 -7.65 -3.17 -12.01
CA ASN A 377 -7.88 -1.92 -11.29
C ASN A 377 -6.85 -1.89 -10.11
N LYS A 378 -6.77 -3.02 -9.48
CA LYS A 378 -5.98 -3.48 -8.36
C LYS A 378 -4.53 -3.06 -8.58
N ASP A 379 -3.92 -3.55 -9.63
CA ASP A 379 -2.65 -3.26 -10.23
C ASP A 379 -2.44 -1.78 -10.59
N CYS A 380 -3.43 -1.00 -10.91
CA CYS A 380 -3.46 0.39 -11.19
C CYS A 380 -3.49 1.21 -9.90
N ILE A 381 -4.10 0.62 -8.88
CA ILE A 381 -4.11 1.27 -7.53
C ILE A 381 -2.70 1.14 -6.94
N VAL A 382 -1.94 0.10 -7.17
CA VAL A 382 -0.57 -0.08 -6.78
C VAL A 382 0.39 0.90 -7.47
N LYS A 383 0.53 1.00 -8.76
CA LYS A 383 1.21 2.03 -9.47
C LYS A 383 1.00 3.42 -8.91
N ILE A 384 -0.15 3.89 -8.55
CA ILE A 384 -0.46 5.21 -8.02
C ILE A 384 0.13 5.37 -6.63
N THR A 385 -0.06 4.43 -5.74
CA THR A 385 0.48 4.35 -4.39
C THR A 385 2.04 4.46 -4.51
N LYS A 386 2.66 3.84 -5.49
CA LYS A 386 4.03 3.83 -5.84
C LYS A 386 4.48 4.96 -6.72
N GLY A 387 3.79 6.00 -7.04
CA GLY A 387 4.15 7.01 -8.00
C GLY A 387 4.46 6.60 -9.42
N GLU A 388 4.21 5.47 -10.00
CA GLU A 388 4.35 5.04 -11.38
C GLU A 388 3.21 5.40 -12.38
N ALA A 389 2.10 5.92 -11.97
CA ALA A 389 0.92 6.39 -12.58
C ALA A 389 0.31 7.38 -11.58
N ASP A 390 -0.47 8.32 -11.93
CA ASP A 390 -1.05 9.33 -11.04
C ASP A 390 -2.55 9.32 -10.79
N ALA A 391 -3.34 8.80 -11.70
CA ALA A 391 -4.81 8.87 -11.58
C ALA A 391 -5.50 7.79 -12.42
N ILE A 392 -6.76 7.63 -12.07
CA ILE A 392 -7.70 6.62 -12.54
C ILE A 392 -9.08 6.97 -12.00
N SER A 393 -10.09 6.81 -12.86
CA SER A 393 -11.49 7.03 -12.45
C SER A 393 -11.97 5.64 -12.03
N LEU A 394 -12.57 5.54 -10.86
CA LEU A 394 -12.93 4.20 -10.42
C LEU A 394 -14.36 4.17 -9.97
N ASP A 395 -14.87 2.97 -9.97
CA ASP A 395 -16.25 2.76 -9.38
C ASP A 395 -16.15 3.04 -7.91
N GLY A 396 -17.09 3.61 -7.20
CA GLY A 396 -17.18 3.80 -5.81
C GLY A 396 -16.63 2.71 -4.94
N GLY A 397 -16.66 1.42 -5.14
CA GLY A 397 -16.21 0.28 -4.47
C GLY A 397 -14.68 0.16 -4.38
N PHE A 398 -14.07 0.54 -5.51
CA PHE A 398 -12.64 0.69 -5.68
C PHE A 398 -12.11 1.98 -5.04
N VAL A 399 -12.97 2.96 -4.76
CA VAL A 399 -12.76 4.21 -4.14
C VAL A 399 -12.49 3.97 -2.64
N TYR A 400 -13.23 3.00 -2.11
CA TYR A 400 -13.18 2.50 -0.76
C TYR A 400 -11.83 1.79 -0.62
N THR A 401 -11.53 0.85 -1.46
CA THR A 401 -10.25 0.14 -1.43
C THR A 401 -9.09 1.07 -1.71
N ALA A 402 -9.17 2.18 -2.39
CA ALA A 402 -8.18 3.14 -2.71
C ALA A 402 -7.95 4.13 -1.58
N GLY A 403 -8.94 4.41 -0.78
CA GLY A 403 -8.84 5.43 0.26
C GLY A 403 -8.22 4.93 1.54
N VAL A 404 -8.23 3.64 1.70
CA VAL A 404 -7.73 2.73 2.64
C VAL A 404 -6.19 2.63 2.47
N CYS A 405 -5.78 2.75 1.24
CA CYS A 405 -4.54 2.77 0.61
C CYS A 405 -3.87 4.17 0.58
N GLY A 406 -4.49 5.20 1.04
CA GLY A 406 -4.11 6.54 1.09
C GLY A 406 -4.47 7.45 -0.04
N LEU A 407 -5.11 7.06 -1.12
CA LEU A 407 -5.58 7.86 -2.27
C LEU A 407 -6.93 8.53 -2.00
N VAL A 408 -7.11 9.68 -2.60
CA VAL A 408 -8.25 10.58 -2.32
C VAL A 408 -9.06 10.94 -3.56
N PRO A 409 -10.38 11.02 -3.42
CA PRO A 409 -11.27 11.45 -4.49
C PRO A 409 -11.02 12.93 -4.85
N VAL A 410 -10.89 13.12 -6.16
CA VAL A 410 -10.61 14.43 -6.82
C VAL A 410 -11.88 14.99 -7.41
N VAL A 411 -12.45 14.42 -8.45
CA VAL A 411 -13.66 14.71 -9.14
C VAL A 411 -14.63 13.48 -9.23
N GLY A 412 -15.88 13.76 -8.88
CA GLY A 412 -16.95 12.76 -8.97
C GLY A 412 -17.61 12.78 -10.33
N GLU A 413 -17.82 11.63 -10.94
CA GLU A 413 -18.47 11.56 -12.28
C GLU A 413 -19.98 11.80 -12.11
N SER A 414 -20.46 12.76 -12.88
CA SER A 414 -21.86 13.16 -12.88
C SER A 414 -22.47 12.70 -14.20
N TYR A 415 -23.66 12.10 -14.00
CA TYR A 415 -24.41 11.55 -15.14
C TYR A 415 -25.59 12.43 -15.53
N GLU A 416 -25.53 13.72 -15.25
CA GLU A 416 -26.42 14.76 -15.66
C GLU A 416 -25.69 16.09 -15.95
N ASP A 417 -25.70 16.36 -17.25
CA ASP A 417 -25.19 17.26 -18.22
C ASP A 417 -25.60 18.74 -18.14
N GLU A 418 -26.62 18.88 -17.47
CA GLU A 418 -27.74 19.19 -16.85
C GLU A 418 -27.76 19.68 -15.43
N THR A 419 -27.51 18.82 -14.47
CA THR A 419 -27.78 19.18 -13.07
C THR A 419 -26.67 19.89 -12.35
N GLN A 420 -25.80 19.05 -11.85
CA GLN A 420 -24.64 19.32 -11.05
C GLN A 420 -23.38 19.21 -11.91
N CYS A 421 -22.80 20.42 -12.17
CA CYS A 421 -21.67 20.58 -13.04
C CYS A 421 -20.77 21.76 -12.96
N SER A 422 -21.04 22.80 -12.20
CA SER A 422 -20.05 23.92 -12.09
C SER A 422 -20.33 24.78 -10.85
N LYS A 423 -21.39 25.50 -11.01
CA LYS A 423 -22.15 26.42 -10.20
C LYS A 423 -23.45 25.64 -9.83
N ASP A 424 -23.73 24.84 -10.85
CA ASP A 424 -24.72 23.82 -11.01
C ASP A 424 -24.42 22.69 -10.02
N GLU A 425 -23.14 22.29 -10.09
CA GLU A 425 -22.64 21.25 -9.22
C GLU A 425 -22.93 21.51 -7.76
N GLU A 426 -23.45 20.39 -7.21
CA GLU A 426 -23.65 20.39 -5.72
C GLU A 426 -22.62 19.36 -5.22
N GLN A 427 -22.95 18.11 -5.31
CA GLN A 427 -22.24 16.88 -4.99
C GLN A 427 -22.70 15.92 -6.10
N PRO A 428 -21.78 15.10 -6.58
CA PRO A 428 -22.18 14.15 -7.64
C PRO A 428 -23.40 13.43 -7.07
N ALA A 429 -24.49 13.50 -7.81
CA ALA A 429 -25.73 12.84 -7.24
C ALA A 429 -25.44 11.34 -7.32
N TYR A 430 -26.21 10.56 -6.63
CA TYR A 430 -26.07 9.12 -6.54
C TYR A 430 -26.96 8.43 -7.61
N TYR A 431 -26.49 7.31 -8.10
CA TYR A 431 -27.14 6.35 -8.93
C TYR A 431 -27.69 5.23 -8.01
N PHE A 432 -28.27 4.19 -8.55
CA PHE A 432 -29.01 3.16 -7.86
C PHE A 432 -28.55 1.75 -8.28
N ALA A 433 -28.38 0.92 -7.27
CA ALA A 433 -27.91 -0.48 -7.43
C ALA A 433 -29.13 -1.28 -7.83
N VAL A 434 -29.19 -2.03 -8.86
CA VAL A 434 -30.51 -2.68 -9.24
C VAL A 434 -30.41 -4.12 -9.57
N ALA A 435 -31.46 -4.90 -9.45
CA ALA A 435 -31.32 -6.34 -9.91
C ALA A 435 -32.18 -6.51 -11.16
N VAL A 436 -31.59 -6.83 -12.29
CA VAL A 436 -32.36 -6.96 -13.53
C VAL A 436 -32.68 -8.40 -13.88
N VAL A 437 -33.95 -8.66 -14.27
CA VAL A 437 -34.35 -9.99 -14.81
C VAL A 437 -35.03 -9.83 -16.19
N LYS A 438 -35.16 -10.96 -16.86
CA LYS A 438 -35.79 -11.08 -18.18
C LYS A 438 -37.30 -11.22 -18.07
N LYS A 439 -37.88 -11.99 -18.95
CA LYS A 439 -39.26 -12.38 -19.17
C LYS A 439 -39.87 -13.14 -18.01
N SER A 440 -39.54 -14.42 -17.92
CA SER A 440 -39.93 -15.34 -16.87
C SER A 440 -40.28 -14.64 -15.58
N SER A 441 -41.53 -14.73 -15.12
CA SER A 441 -41.86 -13.99 -13.86
C SER A 441 -42.00 -14.98 -12.71
N ALA A 442 -41.12 -15.96 -12.71
CA ALA A 442 -40.92 -16.96 -11.66
C ALA A 442 -39.93 -16.35 -10.65
N ILE A 443 -38.70 -16.16 -11.09
CA ILE A 443 -37.62 -15.51 -10.37
C ILE A 443 -38.13 -14.28 -9.58
N THR A 444 -37.66 -14.26 -8.34
CA THR A 444 -37.89 -13.23 -7.35
C THR A 444 -36.55 -12.91 -6.64
N TRP A 445 -36.62 -11.91 -5.78
CA TRP A 445 -35.42 -11.57 -5.01
C TRP A 445 -35.10 -12.81 -4.17
N ASN A 446 -36.06 -13.18 -3.33
CA ASN A 446 -35.99 -14.24 -2.37
C ASN A 446 -35.88 -15.67 -2.89
N ASN A 447 -35.66 -15.97 -4.09
CA ASN A 447 -35.52 -17.20 -4.81
C ASN A 447 -34.24 -17.30 -5.62
N LEU A 448 -33.28 -16.40 -5.46
CA LEU A 448 -32.03 -16.38 -6.22
C LEU A 448 -30.99 -17.43 -5.96
N GLN A 449 -30.95 -17.93 -4.75
CA GLN A 449 -30.00 -18.98 -4.36
C GLN A 449 -30.17 -20.04 -5.43
N GLY A 450 -29.17 -20.41 -6.13
CA GLY A 450 -29.25 -21.41 -7.19
C GLY A 450 -29.31 -20.83 -8.56
N LYS A 451 -29.50 -19.51 -8.70
CA LYS A 451 -29.60 -18.86 -10.02
C LYS A 451 -28.25 -18.72 -10.68
N LYS A 452 -28.31 -18.20 -11.88
CA LYS A 452 -27.11 -18.13 -12.77
C LYS A 452 -26.61 -16.74 -13.01
N SER A 453 -26.53 -15.87 -12.04
CA SER A 453 -26.11 -14.50 -11.97
C SER A 453 -24.93 -13.96 -12.77
N CYS A 454 -25.00 -12.62 -12.92
CA CYS A 454 -24.05 -11.77 -13.63
C CYS A 454 -23.88 -10.38 -12.94
N HIS A 455 -22.57 -10.13 -12.80
CA HIS A 455 -22.00 -9.04 -11.99
C HIS A 455 -21.06 -8.19 -12.76
N THR A 456 -21.09 -6.86 -12.55
CA THR A 456 -20.16 -5.94 -13.31
C THR A 456 -18.74 -6.42 -13.14
N ALA A 457 -18.29 -6.61 -11.90
CA ALA A 457 -17.04 -7.17 -11.47
C ALA A 457 -16.96 -7.31 -9.94
N VAL A 458 -16.07 -8.18 -9.44
CA VAL A 458 -15.88 -8.26 -7.97
C VAL A 458 -15.37 -6.94 -7.39
N GLY A 459 -15.98 -6.48 -6.34
CA GLY A 459 -15.76 -5.33 -5.56
C GLY A 459 -16.33 -4.05 -6.15
N ARG A 460 -17.31 -4.25 -7.04
CA ARG A 460 -17.93 -3.09 -7.71
C ARG A 460 -19.20 -2.80 -7.01
N THR A 461 -19.46 -1.57 -6.66
CA THR A 461 -20.66 -1.12 -6.02
C THR A 461 -21.91 -1.98 -6.38
N ALA A 462 -22.44 -1.70 -7.54
CA ALA A 462 -23.61 -2.24 -8.17
C ALA A 462 -23.50 -3.72 -8.50
N GLY A 463 -22.41 -4.07 -9.15
CA GLY A 463 -22.09 -5.40 -9.59
C GLY A 463 -21.74 -6.37 -8.51
N TRP A 464 -21.28 -5.98 -7.33
CA TRP A 464 -20.87 -6.94 -6.29
C TRP A 464 -21.17 -6.66 -4.85
N ASN A 465 -20.90 -5.50 -4.31
CA ASN A 465 -20.99 -5.06 -2.95
C ASN A 465 -22.40 -4.97 -2.37
N ILE A 466 -23.26 -4.29 -3.08
CA ILE A 466 -24.68 -4.18 -2.73
C ILE A 466 -25.27 -5.60 -2.77
N PRO A 467 -25.21 -6.28 -3.91
CA PRO A 467 -25.77 -7.61 -4.11
C PRO A 467 -25.36 -8.66 -3.11
N MET A 468 -24.03 -8.87 -2.98
CA MET A 468 -23.36 -9.78 -2.06
C MET A 468 -23.34 -9.20 -0.64
N GLY A 469 -23.29 -7.91 -0.47
CA GLY A 469 -23.42 -7.28 0.88
C GLY A 469 -24.77 -7.74 1.44
N LEU A 470 -25.86 -7.55 0.71
CA LEU A 470 -27.23 -7.94 0.94
C LEU A 470 -27.46 -9.44 1.10
N ILE A 471 -26.99 -10.29 0.24
CA ILE A 471 -27.09 -11.75 0.36
C ILE A 471 -26.39 -12.27 1.64
N HIS A 472 -25.15 -11.91 1.82
CA HIS A 472 -24.32 -12.13 2.99
C HIS A 472 -25.02 -11.74 4.28
N ASN A 473 -25.69 -10.64 4.39
CA ASN A 473 -26.45 -10.21 5.57
C ASN A 473 -27.58 -11.22 5.81
N LYS A 474 -28.25 -11.67 4.77
CA LYS A 474 -29.32 -12.66 4.86
C LYS A 474 -28.79 -13.92 5.56
N THR A 475 -27.94 -14.63 4.93
CA THR A 475 -27.25 -15.84 5.20
C THR A 475 -26.21 -15.90 6.30
N GLY A 476 -25.33 -14.94 6.45
CA GLY A 476 -24.24 -14.85 7.40
C GLY A 476 -23.21 -15.94 7.21
N SER A 477 -22.88 -16.17 5.98
CA SER A 477 -21.91 -17.18 5.55
C SER A 477 -21.06 -16.47 4.51
N CYS A 478 -19.77 -16.67 4.62
CA CYS A 478 -18.81 -16.04 3.68
C CYS A 478 -18.49 -16.88 2.44
N ASP A 479 -19.40 -17.64 1.94
CA ASP A 479 -19.57 -18.57 0.90
C ASP A 479 -19.91 -18.08 -0.48
N PHE A 480 -20.06 -16.84 -0.78
CA PHE A 480 -20.36 -16.16 -2.03
C PHE A 480 -20.40 -16.98 -3.30
N ASP A 481 -19.34 -17.66 -3.63
CA ASP A 481 -19.21 -18.61 -4.75
C ASP A 481 -20.30 -19.67 -4.73
N ASP A 482 -20.63 -20.24 -3.60
CA ASP A 482 -21.64 -21.26 -3.34
C ASP A 482 -23.04 -20.80 -2.93
N TYR A 483 -23.52 -19.71 -3.54
CA TYR A 483 -24.85 -19.17 -3.37
C TYR A 483 -25.64 -19.37 -4.70
N PHE A 484 -25.07 -18.83 -5.73
CA PHE A 484 -25.57 -18.87 -7.11
C PHE A 484 -24.95 -20.18 -7.63
N SER A 485 -25.59 -20.68 -8.68
CA SER A 485 -25.22 -21.98 -9.24
C SER A 485 -23.95 -21.93 -10.04
N GLU A 486 -23.74 -20.88 -10.76
CA GLU A 486 -22.61 -20.54 -11.62
C GLU A 486 -22.85 -19.09 -12.02
N GLY A 487 -21.82 -18.36 -12.37
CA GLY A 487 -22.01 -16.93 -12.65
C GLY A 487 -20.83 -16.38 -13.36
N CYS A 488 -20.90 -15.09 -13.57
CA CYS A 488 -19.81 -14.27 -14.10
C CYS A 488 -19.67 -13.11 -13.09
N ALA A 489 -18.49 -12.91 -12.62
CA ALA A 489 -18.00 -11.79 -11.82
C ALA A 489 -16.47 -11.86 -12.10
N PRO A 490 -16.11 -11.09 -13.12
CA PRO A 490 -14.73 -10.99 -13.56
C PRO A 490 -13.89 -10.41 -12.42
N GLY A 491 -12.74 -11.06 -12.30
CA GLY A 491 -11.71 -10.92 -11.31
C GLY A 491 -11.87 -11.97 -10.21
N SER A 492 -12.63 -13.00 -10.48
CA SER A 492 -12.92 -14.12 -9.54
C SER A 492 -11.87 -15.20 -9.80
N PRO A 493 -11.61 -16.02 -8.81
CA PRO A 493 -10.62 -17.09 -9.03
C PRO A 493 -11.14 -17.90 -10.18
N PRO A 494 -10.26 -18.27 -11.10
CA PRO A 494 -10.57 -19.15 -12.22
C PRO A 494 -11.33 -20.43 -11.95
N ASN A 495 -11.17 -21.09 -10.83
CA ASN A 495 -11.75 -22.32 -10.34
C ASN A 495 -13.18 -22.19 -9.80
N SER A 496 -13.48 -20.99 -9.38
CA SER A 496 -14.72 -20.52 -8.82
C SER A 496 -15.88 -20.90 -9.75
N ARG A 497 -17.08 -20.83 -9.21
CA ARG A 497 -18.37 -21.08 -9.84
C ARG A 497 -18.82 -19.82 -10.61
N LEU A 498 -18.29 -18.71 -10.12
CA LEU A 498 -18.33 -17.34 -10.51
C LEU A 498 -17.30 -16.99 -11.59
N CYS A 499 -16.55 -17.96 -12.09
CA CYS A 499 -15.77 -17.75 -13.28
C CYS A 499 -16.34 -18.56 -14.44
N LYS A 500 -17.46 -19.21 -14.20
CA LYS A 500 -18.03 -20.16 -15.12
C LYS A 500 -18.70 -19.69 -16.37
N LEU A 501 -19.46 -18.61 -16.28
CA LEU A 501 -20.20 -18.06 -17.41
C LEU A 501 -19.45 -17.01 -18.23
N CYS A 502 -18.26 -16.64 -17.81
CA CYS A 502 -17.47 -15.63 -18.55
C CYS A 502 -16.99 -16.23 -19.86
N GLN A 503 -16.86 -15.38 -20.86
CA GLN A 503 -16.48 -15.72 -22.23
C GLN A 503 -15.19 -15.10 -22.71
N GLY A 504 -14.55 -14.28 -21.91
CA GLY A 504 -13.27 -13.65 -22.24
C GLY A 504 -13.34 -12.82 -23.51
N SER A 505 -12.18 -12.63 -24.11
CA SER A 505 -11.97 -11.86 -25.34
C SER A 505 -12.70 -12.56 -26.48
N GLY A 506 -13.90 -12.04 -26.73
CA GLY A 506 -14.82 -12.70 -27.77
C GLY A 506 -15.09 -14.02 -26.97
N GLU A 507 -14.63 -15.10 -27.51
CA GLU A 507 -14.48 -16.35 -26.77
C GLU A 507 -13.03 -16.72 -27.15
N ASN A 508 -12.61 -16.13 -28.27
CA ASN A 508 -11.28 -16.17 -28.86
C ASN A 508 -10.25 -16.22 -27.72
N LEU A 509 -9.78 -17.39 -27.38
CA LEU A 509 -8.90 -17.75 -26.27
C LEU A 509 -8.83 -16.74 -25.10
N LEU A 510 -7.88 -15.87 -25.32
CA LEU A 510 -7.32 -14.80 -24.60
C LEU A 510 -7.55 -14.90 -23.12
N GLU A 511 -8.62 -14.44 -22.52
CA GLU A 511 -8.63 -14.32 -21.04
C GLU A 511 -9.91 -14.46 -20.29
N LYS A 512 -10.45 -15.65 -20.19
CA LYS A 512 -11.69 -16.03 -19.55
C LYS A 512 -12.16 -15.42 -18.27
N CYS A 513 -11.63 -14.53 -17.45
CA CYS A 513 -12.31 -13.99 -16.25
C CYS A 513 -11.61 -12.76 -15.69
N VAL A 514 -10.72 -12.15 -16.45
CA VAL A 514 -10.02 -10.95 -15.98
C VAL A 514 -11.05 -9.83 -15.78
N ALA A 515 -10.71 -8.94 -14.86
CA ALA A 515 -11.57 -7.76 -14.62
C ALA A 515 -11.04 -6.64 -15.50
N SER A 516 -11.43 -6.67 -16.77
CA SER A 516 -11.12 -5.70 -17.81
C SER A 516 -11.96 -6.07 -19.05
N SER A 517 -12.13 -5.06 -19.86
CA SER A 517 -12.75 -4.93 -21.14
C SER A 517 -11.91 -5.56 -22.22
N HIS A 518 -11.52 -6.75 -22.12
CA HIS A 518 -10.78 -7.82 -22.59
C HIS A 518 -11.61 -9.10 -22.25
N GLU A 519 -12.51 -8.86 -21.32
CA GLU A 519 -13.54 -9.77 -20.90
C GLU A 519 -14.88 -9.16 -21.37
N LYS A 520 -15.52 -9.94 -22.21
CA LYS A 520 -16.79 -9.89 -22.87
C LYS A 520 -17.90 -9.33 -21.99
N TYR A 521 -18.03 -10.02 -20.86
CA TYR A 521 -18.93 -9.75 -19.79
C TYR A 521 -18.37 -8.81 -18.74
N TYR A 522 -17.44 -7.92 -18.97
CA TYR A 522 -17.06 -6.96 -17.91
C TYR A 522 -17.80 -5.64 -18.09
N GLY A 523 -18.11 -5.01 -17.00
CA GLY A 523 -18.76 -3.72 -16.84
C GLY A 523 -20.26 -3.94 -16.75
N TYR A 524 -21.00 -2.87 -16.54
CA TYR A 524 -22.45 -2.86 -16.54
C TYR A 524 -23.04 -3.43 -17.85
N THR A 525 -22.52 -3.05 -19.00
CA THR A 525 -22.94 -3.46 -20.32
C THR A 525 -22.55 -4.89 -20.57
N GLY A 526 -21.41 -5.27 -20.05
CA GLY A 526 -20.94 -6.63 -20.04
C GLY A 526 -21.91 -7.55 -19.29
N ALA A 527 -22.50 -7.24 -18.17
CA ALA A 527 -23.37 -8.16 -17.44
C ALA A 527 -24.85 -8.16 -17.82
N LEU A 528 -25.22 -7.25 -18.68
CA LEU A 528 -26.57 -7.20 -19.27
C LEU A 528 -26.45 -8.21 -20.40
N ARG A 529 -25.35 -8.18 -21.16
CA ARG A 529 -25.01 -9.13 -22.19
C ARG A 529 -25.04 -10.53 -21.61
N CYS A 530 -24.56 -10.71 -20.41
CA CYS A 530 -24.56 -11.99 -19.70
C CYS A 530 -26.02 -12.32 -19.44
N LEU A 531 -26.84 -11.42 -18.94
CA LEU A 531 -28.27 -11.71 -18.72
C LEU A 531 -28.84 -12.38 -19.99
N VAL A 532 -28.87 -11.57 -21.03
CA VAL A 532 -29.26 -11.89 -22.40
C VAL A 532 -28.73 -13.22 -22.87
N GLU A 533 -27.45 -13.48 -22.83
CA GLU A 533 -26.85 -14.72 -23.28
C GLU A 533 -26.76 -15.87 -22.33
N GLN A 534 -26.54 -15.72 -21.04
CA GLN A 534 -26.40 -16.91 -20.16
C GLN A 534 -27.10 -16.76 -18.82
N GLY A 535 -26.82 -15.69 -18.15
CA GLY A 535 -27.24 -15.29 -16.84
C GLY A 535 -28.67 -15.45 -16.52
N ASP A 536 -29.01 -15.44 -15.25
CA ASP A 536 -30.43 -15.52 -14.82
C ASP A 536 -30.71 -14.13 -14.21
N VAL A 537 -29.60 -13.61 -13.65
CA VAL A 537 -29.60 -12.32 -12.98
C VAL A 537 -28.51 -11.36 -13.55
N ALA A 538 -28.82 -10.08 -13.42
CA ALA A 538 -27.87 -9.03 -13.75
C ALA A 538 -27.95 -7.98 -12.63
N PHE A 539 -26.79 -7.83 -12.02
CA PHE A 539 -26.57 -6.81 -10.96
C PHE A 539 -25.78 -5.69 -11.67
N ILE A 540 -26.47 -4.59 -11.77
CA ILE A 540 -26.08 -3.42 -12.59
C ILE A 540 -26.67 -2.20 -11.98
N LYS A 541 -26.49 -1.05 -12.62
CA LYS A 541 -27.11 0.21 -12.18
C LYS A 541 -28.34 0.41 -13.08
N HIS A 542 -29.14 1.32 -12.65
CA HIS A 542 -30.39 1.78 -13.18
C HIS A 542 -30.45 2.31 -14.59
N SER A 543 -29.41 2.64 -15.28
CA SER A 543 -29.57 3.24 -16.63
C SER A 543 -28.93 2.33 -17.62
N THR A 544 -28.35 1.21 -17.15
CA THR A 544 -27.66 0.29 -18.05
C THR A 544 -28.57 -0.14 -19.20
N VAL A 545 -29.66 -0.63 -18.70
CA VAL A 545 -30.82 -1.21 -19.37
C VAL A 545 -31.27 -0.23 -20.43
N GLY A 546 -31.72 0.96 -20.00
CA GLY A 546 -32.08 2.08 -20.81
C GLY A 546 -30.96 2.82 -21.49
N GLU A 547 -29.87 2.22 -21.81
CA GLU A 547 -28.68 2.72 -22.42
C GLU A 547 -28.26 1.83 -23.57
N ASN A 548 -28.71 0.58 -23.57
CA ASN A 548 -28.33 -0.42 -24.55
C ASN A 548 -29.45 -1.10 -25.30
N VAL A 549 -30.64 -0.69 -25.01
CA VAL A 549 -31.87 -1.40 -25.35
C VAL A 549 -32.56 -1.09 -26.60
N SER A 550 -33.38 -0.07 -26.70
CA SER A 550 -34.28 0.20 -27.82
C SER A 550 -33.68 1.07 -28.90
N GLY A 551 -32.63 0.50 -29.50
CA GLY A 551 -31.82 1.05 -30.55
C GLY A 551 -30.62 1.81 -30.05
N SER A 552 -30.36 1.73 -28.75
CA SER A 552 -29.20 2.51 -28.17
C SER A 552 -27.96 1.66 -28.31
N ASN A 553 -28.03 0.38 -28.01
CA ASN A 553 -26.90 -0.54 -28.31
C ASN A 553 -27.37 -1.19 -29.68
N LYS A 554 -26.39 -1.04 -30.55
CA LYS A 554 -26.29 -1.41 -31.92
C LYS A 554 -25.27 -2.54 -32.11
N ASP A 555 -25.15 -3.33 -31.05
CA ASP A 555 -24.33 -4.58 -31.13
C ASP A 555 -25.37 -5.63 -31.56
N ASP A 556 -24.90 -6.80 -31.90
CA ASP A 556 -25.84 -7.83 -32.44
C ASP A 556 -26.57 -8.57 -31.36
N TRP A 557 -26.03 -8.71 -30.17
CA TRP A 557 -26.62 -9.29 -28.97
C TRP A 557 -27.81 -8.45 -28.47
N ALA A 558 -27.69 -7.14 -28.62
CA ALA A 558 -28.48 -6.05 -28.19
C ALA A 558 -29.41 -5.45 -29.25
N LYS A 559 -29.15 -5.88 -30.46
CA LYS A 559 -29.80 -5.49 -31.69
C LYS A 559 -31.32 -5.52 -31.57
N GLY A 560 -31.84 -6.71 -31.24
CA GLY A 560 -33.26 -6.88 -31.08
C GLY A 560 -33.90 -6.17 -29.93
N LEU A 561 -33.24 -6.08 -28.80
CA LEU A 561 -33.63 -5.60 -27.52
C LEU A 561 -34.60 -4.45 -27.37
N THR A 562 -35.20 -4.53 -26.18
CA THR A 562 -36.21 -3.52 -25.73
C THR A 562 -36.24 -3.59 -24.24
N ARG A 563 -36.78 -2.57 -23.60
CA ARG A 563 -36.87 -2.49 -22.14
C ARG A 563 -38.02 -3.31 -21.58
N ASP A 564 -38.88 -3.81 -22.43
CA ASP A 564 -40.00 -4.70 -22.27
C ASP A 564 -39.47 -6.09 -21.94
N ASP A 565 -38.33 -6.42 -22.53
CA ASP A 565 -37.67 -7.69 -22.26
C ASP A 565 -37.19 -7.75 -20.80
N PHE A 566 -37.00 -6.72 -20.03
CA PHE A 566 -36.52 -6.66 -18.72
C PHE A 566 -37.53 -6.02 -17.74
N GLU A 567 -37.39 -6.44 -16.53
CA GLU A 567 -38.03 -6.04 -15.31
C GLU A 567 -36.92 -6.01 -14.21
N LEU A 568 -37.30 -5.38 -13.13
CA LEU A 568 -36.44 -5.25 -11.93
C LEU A 568 -36.97 -6.18 -10.82
N LEU A 569 -36.09 -6.63 -9.97
CA LEU A 569 -36.39 -7.43 -8.78
C LEU A 569 -36.36 -6.54 -7.53
N CYS A 570 -37.48 -6.51 -6.83
CA CYS A 570 -37.60 -5.73 -5.55
C CYS A 570 -37.09 -6.56 -4.40
N THR A 571 -36.71 -5.92 -3.30
CA THR A 571 -36.15 -6.63 -2.12
C THR A 571 -37.25 -7.24 -1.30
N ASN A 572 -38.43 -6.63 -1.45
CA ASN A 572 -39.69 -7.08 -0.84
C ASN A 572 -40.22 -8.37 -1.45
N GLY A 573 -39.69 -8.93 -2.49
CA GLY A 573 -39.99 -10.14 -3.17
C GLY A 573 -40.50 -9.94 -4.58
N LYS A 574 -41.28 -8.88 -4.68
CA LYS A 574 -41.96 -8.34 -5.84
C LYS A 574 -40.98 -7.90 -6.90
N ARG A 575 -41.55 -7.42 -7.97
CA ARG A 575 -40.92 -7.01 -9.19
C ARG A 575 -41.48 -5.67 -9.66
N ALA A 576 -40.78 -5.12 -10.67
CA ALA A 576 -41.22 -3.88 -11.29
C ALA A 576 -40.56 -3.73 -12.64
N LYS A 577 -41.03 -2.66 -13.25
CA LYS A 577 -40.57 -2.15 -14.52
C LYS A 577 -39.23 -1.47 -14.39
N THR A 578 -38.33 -1.74 -15.35
CA THR A 578 -37.06 -1.04 -15.43
C THR A 578 -37.27 0.43 -15.26
N MET A 579 -38.01 1.20 -16.00
CA MET A 579 -38.26 2.62 -15.83
C MET A 579 -38.74 3.14 -14.52
N ASP A 580 -38.68 2.54 -13.40
CA ASP A 580 -39.07 2.71 -12.03
C ASP A 580 -37.91 2.35 -11.11
N TYR A 581 -37.14 3.36 -10.71
CA TYR A 581 -35.94 3.13 -9.94
C TYR A 581 -35.94 3.38 -8.50
N LYS A 582 -36.51 4.51 -8.20
CA LYS A 582 -36.70 5.15 -6.93
C LYS A 582 -37.49 4.32 -5.92
N THR A 583 -38.38 3.48 -6.34
CA THR A 583 -39.29 2.57 -5.71
C THR A 583 -38.86 1.12 -5.66
N CYS A 584 -37.97 0.67 -6.51
CA CYS A 584 -37.48 -0.71 -6.56
C CYS A 584 -36.02 -0.81 -7.05
N HIS A 585 -35.11 -0.64 -6.12
CA HIS A 585 -33.65 -0.75 -6.31
C HIS A 585 -33.02 -1.58 -5.19
N LEU A 586 -31.77 -1.94 -5.34
CA LEU A 586 -30.97 -2.63 -4.32
C LEU A 586 -30.47 -1.63 -3.26
N ALA A 587 -30.09 -0.45 -3.67
CA ALA A 587 -29.76 0.67 -2.79
C ALA A 587 -29.21 1.83 -3.62
N LYS A 588 -29.33 2.95 -3.00
CA LYS A 588 -28.87 4.25 -3.45
C LYS A 588 -27.40 4.39 -3.11
N VAL A 589 -26.54 4.54 -4.12
CA VAL A 589 -25.10 4.51 -3.96
C VAL A 589 -24.29 5.55 -4.62
N PRO A 590 -23.20 6.02 -3.99
CA PRO A 590 -22.32 7.08 -4.51
C PRO A 590 -21.71 6.82 -5.86
N THR A 591 -21.40 7.84 -6.68
CA THR A 591 -20.76 7.71 -7.98
C THR A 591 -19.27 7.34 -8.03
N HIS A 592 -18.82 7.25 -9.28
CA HIS A 592 -17.46 6.92 -9.70
C HIS A 592 -16.63 8.17 -9.50
N ALA A 593 -15.39 7.97 -9.04
CA ALA A 593 -14.64 9.26 -8.73
C ALA A 593 -13.23 9.06 -9.15
N VAL A 594 -12.53 10.18 -9.53
CA VAL A 594 -11.06 10.00 -9.84
C VAL A 594 -10.37 10.30 -8.51
N VAL A 595 -9.44 9.41 -8.21
CA VAL A 595 -8.62 9.30 -7.01
C VAL A 595 -7.13 9.52 -7.37
N ALA A 596 -6.45 10.18 -6.45
CA ALA A 596 -4.98 10.33 -6.56
C ALA A 596 -4.30 10.52 -5.23
N ARG A 597 -2.96 10.39 -5.27
CA ARG A 597 -2.25 10.63 -3.93
C ARG A 597 -2.66 12.06 -3.61
N PRO A 598 -2.82 12.41 -2.34
CA PRO A 598 -3.23 13.75 -1.91
C PRO A 598 -2.36 14.90 -2.35
N GLU A 599 -1.10 14.69 -2.64
CA GLU A 599 -0.11 15.69 -3.07
C GLU A 599 -0.32 16.07 -4.53
N LYS A 600 -0.69 15.11 -5.32
CA LYS A 600 -1.02 15.17 -6.71
C LYS A 600 -2.38 15.73 -7.08
N ALA A 601 -3.38 15.72 -6.27
CA ALA A 601 -4.74 16.01 -6.39
C ALA A 601 -5.27 17.37 -6.74
N ASN A 602 -4.51 18.42 -6.68
CA ASN A 602 -5.02 19.75 -7.02
C ASN A 602 -4.56 20.20 -8.41
N LYS A 603 -3.71 19.47 -9.04
CA LYS A 603 -3.28 19.80 -10.40
C LYS A 603 -3.76 18.66 -11.29
N ILE A 604 -4.38 17.63 -10.73
CA ILE A 604 -5.09 16.60 -11.48
C ILE A 604 -6.42 17.32 -11.87
N ARG A 605 -7.04 17.86 -10.88
CA ARG A 605 -8.28 18.62 -10.88
C ARG A 605 -8.33 19.77 -11.84
N GLU A 606 -7.26 20.48 -12.10
CA GLU A 606 -7.15 21.57 -13.06
C GLU A 606 -6.72 21.04 -14.41
N LEU A 607 -6.06 19.89 -14.42
CA LEU A 607 -5.72 19.17 -15.63
C LEU A 607 -7.11 18.85 -16.25
N LEU A 608 -7.94 18.16 -15.51
CA LEU A 608 -9.28 17.78 -15.86
C LEU A 608 -10.27 18.90 -16.11
N GLU A 609 -10.09 20.10 -15.60
CA GLU A 609 -11.00 21.19 -15.97
C GLU A 609 -10.59 21.71 -17.38
N GLY A 610 -9.30 21.69 -17.57
CA GLY A 610 -8.52 21.95 -18.74
C GLY A 610 -9.06 21.02 -19.79
N GLN A 611 -8.75 19.76 -19.74
CA GLN A 611 -9.24 18.73 -20.66
C GLN A 611 -10.72 18.62 -20.93
N GLU A 612 -11.61 18.94 -20.06
CA GLU A 612 -13.01 18.94 -20.16
C GLU A 612 -13.53 20.13 -20.95
N LYS A 613 -12.86 21.27 -20.87
CA LYS A 613 -13.15 22.49 -21.64
C LYS A 613 -13.00 22.25 -23.17
N LEU A 614 -12.15 21.37 -23.59
CA LEU A 614 -11.77 20.83 -24.80
C LEU A 614 -12.47 19.56 -25.24
N PHE A 615 -12.39 18.49 -24.44
CA PHE A 615 -12.87 17.19 -24.87
C PHE A 615 -14.07 16.70 -24.10
N GLY A 616 -14.68 17.54 -23.31
CA GLY A 616 -15.85 17.19 -22.47
C GLY A 616 -17.08 17.23 -23.33
N LEU A 617 -18.28 17.24 -22.80
CA LEU A 617 -19.51 17.19 -23.65
C LEU A 617 -20.03 18.49 -24.16
N HIS A 618 -19.34 19.55 -24.33
CA HIS A 618 -19.53 20.88 -24.81
C HIS A 618 -18.08 21.45 -24.95
N GLY A 619 -17.20 20.54 -25.26
CA GLY A 619 -15.81 20.76 -25.49
C GLY A 619 -15.62 21.47 -26.82
N THR A 620 -14.48 22.12 -26.91
CA THR A 620 -14.04 22.98 -28.02
C THR A 620 -13.45 22.26 -29.19
N GLU A 621 -12.89 21.10 -28.86
CA GLU A 621 -12.21 20.20 -29.77
C GLU A 621 -12.74 18.80 -29.57
N LYS A 622 -14.05 18.75 -29.32
CA LYS A 622 -14.82 17.53 -29.09
C LYS A 622 -15.08 16.75 -30.35
N GLU A 623 -14.89 17.35 -31.51
CA GLU A 623 -14.88 16.79 -32.84
C GLU A 623 -13.58 15.99 -32.99
N ARG A 624 -12.49 16.52 -32.42
CA ARG A 624 -11.19 15.92 -32.40
C ARG A 624 -11.28 14.73 -31.43
N PHE A 625 -11.76 15.01 -30.24
CA PHE A 625 -11.87 13.85 -29.28
C PHE A 625 -12.85 14.18 -28.21
N MET A 626 -13.76 13.22 -27.99
CA MET A 626 -14.74 13.37 -26.87
C MET A 626 -14.23 12.39 -25.79
N MET A 627 -13.88 12.93 -24.64
CA MET A 627 -13.42 12.22 -23.47
C MET A 627 -14.39 11.16 -22.94
N PHE A 628 -15.65 11.47 -22.86
CA PHE A 628 -16.72 10.65 -22.30
C PHE A 628 -17.48 9.74 -23.27
N GLN A 629 -16.95 9.38 -24.40
CA GLN A 629 -17.52 8.46 -25.37
C GLN A 629 -16.48 7.36 -25.60
N SER A 630 -16.98 6.14 -25.61
CA SER A 630 -16.05 4.99 -25.76
C SER A 630 -16.38 4.28 -27.07
N GLN A 631 -15.33 3.70 -27.62
CA GLN A 631 -15.35 2.99 -28.90
C GLN A 631 -15.74 1.53 -28.74
N THR A 632 -15.62 1.05 -27.52
CA THR A 632 -16.20 -0.23 -27.10
C THR A 632 -17.41 0.24 -26.25
N LYS A 633 -17.41 0.26 -24.96
CA LYS A 633 -18.51 0.68 -24.11
C LYS A 633 -18.12 1.67 -23.05
N ASP A 634 -17.71 1.39 -21.85
CA ASP A 634 -17.30 2.35 -20.88
C ASP A 634 -15.81 2.04 -21.00
N LEU A 635 -15.01 3.10 -21.02
CA LEU A 635 -13.56 3.02 -21.24
C LEU A 635 -13.00 4.26 -20.77
N LEU A 636 -12.05 4.42 -19.91
CA LEU A 636 -11.67 5.56 -19.05
C LEU A 636 -12.63 6.16 -18.02
N PHE A 637 -13.73 6.70 -18.51
CA PHE A 637 -14.87 7.25 -17.83
C PHE A 637 -16.10 6.44 -18.25
N LYS A 638 -17.03 6.30 -17.32
CA LYS A 638 -18.32 5.75 -17.69
C LYS A 638 -18.77 6.58 -18.95
N ALA A 639 -19.29 5.78 -19.88
CA ALA A 639 -19.85 6.28 -21.14
C ALA A 639 -20.97 7.20 -20.94
N LEU A 640 -21.93 7.44 -20.09
CA LEU A 640 -22.74 8.70 -20.35
C LEU A 640 -22.52 9.78 -19.33
N THR A 641 -21.25 10.11 -19.07
CA THR A 641 -20.74 11.14 -18.18
C THR A 641 -20.85 12.47 -19.01
N LYS A 642 -21.46 13.36 -18.32
CA LYS A 642 -21.90 14.67 -18.74
C LYS A 642 -21.00 15.76 -18.27
N CYS A 643 -20.32 15.45 -17.15
CA CYS A 643 -19.34 16.34 -16.52
C CYS A 643 -18.85 15.71 -15.23
N LEU A 644 -17.76 16.27 -14.78
CA LEU A 644 -16.94 16.00 -13.63
C LEU A 644 -17.10 17.07 -12.54
N VAL A 645 -17.80 16.64 -11.50
CA VAL A 645 -18.06 17.44 -10.31
C VAL A 645 -16.82 17.38 -9.37
N LYS A 646 -16.39 18.56 -9.08
CA LYS A 646 -15.32 18.97 -8.23
C LYS A 646 -15.66 18.77 -6.74
N LEU A 647 -14.85 17.94 -6.12
CA LEU A 647 -14.91 17.64 -4.67
C LEU A 647 -14.12 18.73 -3.95
N ARG A 648 -14.67 19.21 -2.83
CA ARG A 648 -13.92 20.28 -2.10
C ARG A 648 -12.62 19.66 -1.56
N GLN A 649 -11.61 20.50 -1.43
CA GLN A 649 -10.25 20.14 -0.98
C GLN A 649 -10.31 19.39 0.36
N GLY A 650 -9.54 18.32 0.47
CA GLY A 650 -9.39 17.54 1.67
C GLY A 650 -10.46 16.61 2.20
N ILE A 651 -11.34 16.29 1.29
CA ILE A 651 -12.42 15.37 1.39
C ILE A 651 -11.80 13.95 1.40
N THR A 652 -12.29 13.21 2.37
CA THR A 652 -11.85 11.82 2.62
C THR A 652 -12.73 10.96 1.76
N TYR A 653 -12.35 9.70 1.60
CA TYR A 653 -13.16 8.71 0.84
C TYR A 653 -14.41 8.27 1.59
N LYS A 654 -14.50 8.47 2.90
CA LYS A 654 -15.61 8.14 3.74
C LYS A 654 -16.71 9.18 3.57
N GLU A 655 -16.30 10.43 3.58
CA GLU A 655 -17.21 11.57 3.44
C GLU A 655 -17.84 11.53 2.04
N PHE A 656 -17.08 11.17 1.05
CA PHE A 656 -17.41 10.97 -0.31
C PHE A 656 -18.40 9.81 -0.39
N LEU A 657 -18.06 8.66 0.16
CA LEU A 657 -18.93 7.45 0.06
C LEU A 657 -20.24 7.59 0.84
N GLY A 658 -20.19 8.20 1.99
CA GLY A 658 -21.30 8.47 2.92
C GLY A 658 -21.14 7.33 3.94
N ASP A 659 -21.86 7.36 5.02
CA ASP A 659 -21.85 6.30 6.05
C ASP A 659 -22.60 5.05 5.62
N GLU A 660 -23.71 5.09 4.92
CA GLU A 660 -24.40 3.87 4.45
C GLU A 660 -23.47 2.98 3.63
N TYR A 661 -22.94 3.50 2.54
CA TYR A 661 -22.09 2.74 1.60
C TYR A 661 -20.75 2.42 2.21
N TYR A 662 -20.16 3.32 3.01
CA TYR A 662 -18.99 3.05 3.83
C TYR A 662 -19.21 1.84 4.74
N ALA A 663 -20.33 1.82 5.46
CA ALA A 663 -20.69 0.71 6.35
C ALA A 663 -21.00 -0.54 5.60
N SER A 664 -21.56 -0.60 4.41
CA SER A 664 -21.78 -1.84 3.66
C SER A 664 -20.55 -2.49 3.08
N VAL A 665 -19.60 -1.68 2.63
CA VAL A 665 -18.33 -2.28 2.06
C VAL A 665 -17.34 -2.62 3.17
N ALA A 666 -17.45 -2.06 4.33
CA ALA A 666 -16.69 -2.43 5.54
C ALA A 666 -17.27 -3.80 5.94
N SER A 667 -18.44 -3.89 6.51
CA SER A 667 -19.16 -5.12 6.77
C SER A 667 -18.98 -6.23 5.75
N LEU A 668 -19.16 -6.10 4.45
CA LEU A 668 -18.89 -7.16 3.47
C LEU A 668 -17.47 -7.71 3.55
N ASN A 669 -16.47 -6.82 3.72
CA ASN A 669 -15.07 -7.11 3.73
C ASN A 669 -14.50 -7.62 5.05
N THR A 670 -15.34 -8.00 6.00
CA THR A 670 -15.04 -8.69 7.21
C THR A 670 -14.77 -10.19 6.90
N CYS A 671 -15.26 -10.65 5.76
CA CYS A 671 -15.15 -11.97 5.22
C CYS A 671 -13.97 -12.35 4.37
N ASN A 672 -13.60 -11.66 3.32
CA ASN A 672 -12.47 -12.12 2.45
C ASN A 672 -11.86 -10.95 1.69
N PRO A 673 -11.17 -10.09 2.50
CA PRO A 673 -10.49 -8.89 1.96
C PRO A 673 -9.61 -9.37 0.84
N SER A 674 -9.52 -8.61 -0.23
CA SER A 674 -8.59 -9.08 -1.33
C SER A 674 -7.19 -8.67 -0.84
N ASP A 675 -6.19 -9.18 -1.50
CA ASP A 675 -4.81 -8.99 -1.28
C ASP A 675 -4.36 -7.55 -1.30
N LEU A 676 -4.95 -6.71 -2.14
CA LEU A 676 -4.69 -5.29 -2.21
C LEU A 676 -5.40 -4.60 -1.07
N LEU A 677 -6.52 -5.08 -0.60
CA LEU A 677 -7.18 -4.52 0.59
C LEU A 677 -6.38 -4.91 1.84
N GLN A 678 -5.84 -6.10 1.86
CA GLN A 678 -5.00 -6.51 3.01
C GLN A 678 -3.69 -5.72 2.99
N VAL A 679 -3.01 -5.50 1.86
CA VAL A 679 -1.76 -4.69 1.93
C VAL A 679 -2.03 -3.33 2.56
N CYS A 680 -3.03 -2.60 2.19
CA CYS A 680 -3.50 -1.30 2.52
C CYS A 680 -4.10 -1.15 3.88
N THR A 681 -4.55 -2.26 4.46
CA THR A 681 -5.06 -2.24 5.83
C THR A 681 -3.86 -2.18 6.81
N PHE A 682 -2.87 -2.95 6.46
CA PHE A 682 -1.59 -3.14 7.13
C PHE A 682 -0.93 -1.77 7.28
N LEU A 683 -0.70 -1.22 6.09
CA LEU A 683 -0.16 0.10 5.83
C LEU A 683 -0.99 1.19 6.39
N GLU A 684 -2.25 1.20 6.73
CA GLU A 684 -2.80 2.36 7.54
C GLU A 684 -2.07 2.21 8.88
N ASP A 685 -0.96 2.92 9.06
CA ASP A 685 0.03 2.77 10.12
C ASP A 685 1.34 3.49 9.70
N LYS A 686 1.91 2.94 8.65
CA LYS A 686 3.10 3.25 7.92
C LYS A 686 4.13 4.04 8.73
C1 NAG B . -24.83 -1.79 5.75
C2 NAG B . -25.03 -3.02 4.94
C3 NAG B . -24.75 -4.36 5.46
C4 NAG B . -24.76 -4.48 6.97
C5 NAG B . -25.19 -3.20 7.67
C6 NAG B . -25.14 -3.20 9.15
C7 NAG B . -26.32 -3.37 2.83
C8 NAG B . -27.51 -2.86 2.10
N2 NAG B . -26.30 -3.03 4.16
O3 NAG B . -23.70 -5.04 4.81
O4 NAG B . -25.57 -5.59 7.39
O5 NAG B . -24.60 -2.04 7.14
O6 NAG B . -25.14 -4.48 9.74
O7 NAG B . -25.45 -3.96 2.36
C1 NAG C . -24.67 0.28 9.08
C2 NAG C . -23.34 0.25 9.86
C3 NAG C . -23.16 1.45 10.74
C4 NAG C . -24.52 1.91 11.28
C5 NAG C . -25.75 1.03 11.07
C6 NAG C . -26.94 1.92 10.66
C7 NAG C . -22.26 -1.87 10.52
C8 NAG C . -22.39 -3.14 11.28
N2 NAG C . -23.31 -1.01 10.66
O3 NAG C . -22.52 2.52 9.99
O4 NAG C . -24.40 2.12 12.74
O5 NAG C . -25.68 0.05 10.05
O6 NAG C . -27.31 2.81 11.66
O7 NAG C . -21.35 -1.62 9.86
C1 FUC D . -26.03 5.80 13.89
C2 FUC D . -25.27 4.85 12.96
C3 FUC D . -26.30 4.02 12.26
C4 FUC D . -27.29 4.86 11.51
C5 FUC D . -28.12 5.59 12.59
C6 FUC D . -28.44 7.03 12.29
O2 FUC D . -24.25 4.15 13.68
O3 FUC D . -25.92 2.79 11.73
O4 FUC D . -26.64 5.80 10.62
O5 FUC D . -27.41 5.49 13.87
FE FE E . 16.00 0.70 12.39
FE FE F . -20.63 1.42 -10.32
C CO3 G . 18.14 1.91 12.59
O1 CO3 G . 18.76 0.80 12.13
O2 CO3 G . 16.77 1.97 12.65
O3 CO3 G . 18.85 3.02 12.68
C CO3 H . -20.45 -1.05 -10.51
O1 CO3 H . -20.85 -2.30 -10.89
O2 CO3 H . -21.19 -0.41 -9.57
O3 CO3 H . -19.69 -0.21 -11.27
#